data_5GLF
#
_entry.id   5GLF
#
_cell.length_a   43.802
_cell.length_b   74.402
_cell.length_c   222.114
_cell.angle_alpha   90.00
_cell.angle_beta   90.00
_cell.angle_gamma   90.00
#
_symmetry.space_group_name_H-M   'P 21 21 21'
#
loop_
_entity.id
_entity.type
_entity.pdbx_description
1 polymer 'Transitional endoplasmic reticulum ATPase'
2 polymer Derlin-1
3 water water
#
loop_
_entity_poly.entity_id
_entity_poly.type
_entity_poly.pdbx_seq_one_letter_code
_entity_poly.pdbx_strand_id
1 'polypeptide(L)'
;GAMGSNRPNRLIVDEAINEDNSVVSLSQPKMDELQLFRGDTVLLKGKKRREAVCIVLSDDTCSDEKIRMNRVVRNNLRVR
LGDVISIQPCPDVKYGKRIHVLPIDDTVEGITGNLFEVYLKPYFLEAYRPIRKGDIFLVRGGMRAVEFKVVETDPSPYCI
VAPDTVIHCEGEPIKREDEEESLN
;
A,C,E,G
2 'polypeptide(L)' RHNWGQGFRLGD B,D,F,H
#
# COMPACT_ATOMS: atom_id res chain seq x y z
N PRO A 8 -27.17 14.17 -33.31
CA PRO A 8 -28.04 14.12 -32.13
C PRO A 8 -28.63 12.76 -31.78
N ASN A 9 -28.21 12.27 -30.63
CA ASN A 9 -28.75 11.06 -30.08
C ASN A 9 -30.01 11.44 -29.34
N ARG A 10 -31.05 10.65 -29.46
CA ARG A 10 -32.25 10.90 -28.78
C ARG A 10 -32.35 10.08 -27.54
N LEU A 11 -32.90 10.66 -26.48
CA LEU A 11 -32.92 10.00 -25.19
C LEU A 11 -34.19 10.32 -24.49
N ILE A 12 -34.66 9.36 -23.73
CA ILE A 12 -35.88 9.52 -22.97
C ILE A 12 -35.59 10.13 -21.61
N VAL A 13 -36.40 11.11 -21.26
CA VAL A 13 -36.18 11.88 -20.04
C VAL A 13 -36.57 11.11 -18.80
N ASP A 14 -35.64 11.06 -17.85
CA ASP A 14 -35.83 10.39 -16.58
C ASP A 14 -35.48 11.33 -15.40
N GLU A 15 -35.91 10.96 -14.21
CA GLU A 15 -35.68 11.75 -13.01
C GLU A 15 -34.20 11.79 -12.59
N ALA A 16 -33.83 12.90 -11.96
CA ALA A 16 -32.46 13.09 -11.53
C ALA A 16 -32.25 12.45 -10.16
N ILE A 17 -31.04 11.97 -9.92
CA ILE A 17 -30.62 11.58 -8.60
C ILE A 17 -29.72 12.69 -8.00
N ASN A 18 -28.73 13.11 -8.79
CA ASN A 18 -27.96 14.33 -8.53
C ASN A 18 -28.83 15.57 -8.77
N GLU A 19 -29.15 16.31 -7.72
CA GLU A 19 -30.07 17.50 -7.87
C GLU A 19 -29.48 18.84 -8.35
N ASP A 20 -28.19 18.87 -8.70
CA ASP A 20 -27.56 20.02 -9.33
C ASP A 20 -28.16 20.40 -10.70
N ASN A 21 -28.69 21.61 -10.80
CA ASN A 21 -29.33 22.12 -12.01
C ASN A 21 -28.50 22.03 -13.29
N SER A 22 -27.20 22.09 -13.18
CA SER A 22 -26.34 22.08 -14.36
C SER A 22 -26.03 20.68 -14.89
N VAL A 23 -26.34 19.68 -14.10
CA VAL A 23 -25.93 18.34 -14.40
C VAL A 23 -27.04 17.55 -15.10
N VAL A 24 -26.67 16.84 -16.15
CA VAL A 24 -27.44 15.68 -16.66
C VAL A 24 -26.59 14.44 -16.61
N SER A 25 -27.24 13.33 -16.42
CA SER A 25 -26.59 12.04 -16.31
C SER A 25 -27.00 11.03 -17.40
N LEU A 26 -25.98 10.34 -17.86
CA LEU A 26 -26.09 9.29 -18.88
C LEU A 26 -25.42 8.03 -18.33
N SER A 27 -25.75 6.90 -18.91
CA SER A 27 -24.99 5.65 -18.64
C SER A 27 -23.61 5.80 -19.23
N GLN A 28 -22.64 5.12 -18.64
CA GLN A 28 -21.28 5.14 -19.19
C GLN A 28 -21.24 4.63 -20.65
N PRO A 29 -21.97 3.53 -20.96
CA PRO A 29 -21.93 3.06 -22.35
C PRO A 29 -22.46 4.12 -23.33
N LYS A 30 -23.48 4.87 -22.94
CA LYS A 30 -24.00 5.93 -23.81
C LYS A 30 -22.99 7.10 -23.94
N MET A 31 -22.37 7.46 -22.82
CA MET A 31 -21.27 8.43 -22.87
C MET A 31 -20.13 8.01 -23.81
N ASP A 32 -19.72 6.76 -23.69
CA ASP A 32 -18.68 6.18 -24.60
C ASP A 32 -19.10 6.20 -26.08
N GLU A 33 -20.31 5.80 -26.35
CA GLU A 33 -20.84 5.85 -27.71
C GLU A 33 -20.82 7.27 -28.31
N LEU A 34 -21.25 8.23 -27.52
CA LEU A 34 -21.25 9.63 -27.94
C LEU A 34 -19.88 10.32 -27.89
N GLN A 35 -18.89 9.64 -27.36
CA GLN A 35 -17.54 10.20 -27.17
C GLN A 35 -17.55 11.40 -26.21
N LEU A 36 -18.35 11.29 -25.16
CA LEU A 36 -18.45 12.34 -24.14
C LEU A 36 -17.55 11.90 -23.00
N PHE A 37 -16.94 12.88 -22.34
CA PHE A 37 -16.13 12.70 -21.15
C PHE A 37 -16.86 13.32 -20.00
N ARG A 38 -16.68 12.71 -18.83
CA ARG A 38 -17.17 13.30 -17.62
C ARG A 38 -16.84 14.80 -17.59
N GLY A 39 -17.84 15.62 -17.28
CA GLY A 39 -17.68 17.09 -17.19
C GLY A 39 -17.82 17.87 -18.50
N ASP A 40 -17.98 17.19 -19.62
CA ASP A 40 -18.15 17.90 -20.90
C ASP A 40 -19.43 18.73 -20.92
N THR A 41 -19.42 19.81 -21.70
CA THR A 41 -20.62 20.57 -21.97
C THR A 41 -21.40 19.88 -23.08
N VAL A 42 -22.70 19.74 -22.88
CA VAL A 42 -23.57 19.19 -23.90
C VAL A 42 -24.70 20.16 -24.23
N LEU A 43 -25.13 20.12 -25.50
CA LEU A 43 -26.29 20.86 -25.97
C LEU A 43 -27.53 19.96 -26.06
N LEU A 44 -28.59 20.36 -25.38
CA LEU A 44 -29.81 19.63 -25.33
C LEU A 44 -30.92 20.34 -26.10
N LYS A 45 -31.72 19.55 -26.82
CA LYS A 45 -32.93 20.08 -27.52
C LYS A 45 -34.19 19.41 -27.07
N GLY A 46 -35.18 20.22 -26.69
CA GLY A 46 -36.40 19.76 -26.15
C GLY A 46 -37.56 20.13 -27.05
N LYS A 47 -38.69 20.48 -26.44
CA LYS A 47 -39.88 20.78 -27.19
C LYS A 47 -39.97 22.25 -27.38
N LYS A 48 -40.82 22.63 -28.32
CA LYS A 48 -41.07 24.03 -28.65
C LYS A 48 -39.78 24.77 -29.03
N ARG A 49 -38.89 24.08 -29.71
CA ARG A 49 -37.64 24.67 -30.19
C ARG A 49 -36.68 25.12 -29.05
N ARG A 50 -36.92 24.64 -27.85
CA ARG A 50 -36.09 25.01 -26.67
C ARG A 50 -34.76 24.28 -26.72
N GLU A 51 -33.75 24.99 -26.30
CA GLU A 51 -32.40 24.44 -26.09
C GLU A 51 -31.85 24.73 -24.73
N ALA A 52 -30.93 23.89 -24.29
CA ALA A 52 -30.20 24.05 -23.04
C ALA A 52 -28.76 23.51 -23.12
N VAL A 53 -27.88 24.07 -22.30
CA VAL A 53 -26.52 23.59 -22.10
C VAL A 53 -26.37 23.07 -20.68
N CYS A 54 -25.75 21.88 -20.58
CA CYS A 54 -25.51 21.22 -19.30
C CYS A 54 -24.15 20.51 -19.26
N ILE A 55 -23.80 20.01 -18.09
CA ILE A 55 -22.62 19.27 -17.83
C ILE A 55 -23.06 17.83 -17.73
N VAL A 56 -22.39 16.98 -18.45
CA VAL A 56 -22.72 15.54 -18.43
C VAL A 56 -21.81 14.76 -17.44
N LEU A 57 -22.44 13.94 -16.61
CA LEU A 57 -21.75 12.97 -15.75
C LEU A 57 -22.37 11.59 -15.97
N SER A 58 -21.65 10.54 -15.63
CA SER A 58 -22.24 9.17 -15.71
C SER A 58 -23.08 8.86 -14.49
N ASP A 59 -23.97 7.92 -14.64
CA ASP A 59 -24.75 7.43 -13.50
C ASP A 59 -24.90 5.96 -13.72
N ASP A 60 -24.66 5.19 -12.69
CA ASP A 60 -24.60 3.72 -12.91
C ASP A 60 -25.96 3.00 -12.99
N THR A 61 -27.02 3.68 -12.64
CA THR A 61 -28.35 3.12 -12.76
C THR A 61 -29.15 3.61 -13.96
N CYS A 62 -28.58 4.54 -14.68
CA CYS A 62 -29.25 5.15 -15.80
C CYS A 62 -29.32 4.15 -17.00
N SER A 63 -30.50 4.01 -17.60
CA SER A 63 -30.66 3.14 -18.77
C SER A 63 -29.97 3.79 -19.93
N ASP A 64 -29.44 2.97 -20.82
CA ASP A 64 -28.67 3.51 -21.94
C ASP A 64 -29.41 4.54 -22.76
N GLU A 65 -30.71 4.32 -22.92
CA GLU A 65 -31.54 5.13 -23.78
C GLU A 65 -32.19 6.30 -23.04
N LYS A 66 -31.83 6.51 -21.80
CA LYS A 66 -32.35 7.57 -20.98
C LYS A 66 -31.34 8.64 -20.55
N ILE A 67 -31.91 9.75 -20.10
CA ILE A 67 -31.14 10.84 -19.53
C ILE A 67 -31.80 11.30 -18.24
N ARG A 68 -31.02 11.35 -17.19
CA ARG A 68 -31.48 11.89 -15.92
C ARG A 68 -31.30 13.41 -15.90
N MET A 69 -32.39 14.11 -15.70
CA MET A 69 -32.33 15.56 -15.58
C MET A 69 -33.36 16.05 -14.56
N ASN A 70 -32.94 17.06 -13.80
CA ASN A 70 -33.80 17.65 -12.81
C ASN A 70 -34.89 18.51 -13.41
N ARG A 71 -35.81 18.88 -12.53
CA ARG A 71 -37.07 19.53 -12.91
C ARG A 71 -36.81 20.88 -13.55
N VAL A 72 -35.75 21.55 -13.08
CA VAL A 72 -35.41 22.85 -13.65
C VAL A 72 -35.05 22.73 -15.11
N VAL A 73 -34.22 21.74 -15.42
CA VAL A 73 -33.79 21.54 -16.80
C VAL A 73 -34.95 21.06 -17.68
N ARG A 74 -35.75 20.13 -17.13
CA ARG A 74 -36.98 19.68 -17.80
C ARG A 74 -37.87 20.86 -18.20
N ASN A 75 -38.14 21.72 -17.22
CA ASN A 75 -39.00 22.93 -17.47
C ASN A 75 -38.43 23.85 -18.54
N ASN A 76 -37.12 24.05 -18.46
CA ASN A 76 -36.42 24.84 -19.43
C ASN A 76 -36.51 24.31 -20.86
N LEU A 77 -36.53 22.99 -20.96
CA LEU A 77 -36.70 22.29 -22.24
C LEU A 77 -38.15 22.00 -22.62
N ARG A 78 -39.08 22.34 -21.74
CA ARG A 78 -40.56 22.09 -21.93
C ARG A 78 -40.86 20.63 -22.12
N VAL A 79 -40.17 19.81 -21.35
CA VAL A 79 -40.44 18.39 -21.41
C VAL A 79 -40.88 17.91 -20.04
N ARG A 80 -41.55 16.77 -20.07
CA ARG A 80 -41.91 16.03 -18.84
C ARG A 80 -41.11 14.73 -18.79
N LEU A 81 -41.13 14.09 -17.63
CA LEU A 81 -40.65 12.70 -17.51
C LEU A 81 -41.28 11.82 -18.61
N GLY A 82 -40.46 11.04 -19.29
CA GLY A 82 -40.98 10.18 -20.39
C GLY A 82 -40.97 10.78 -21.80
N ASP A 83 -40.82 12.09 -21.92
CA ASP A 83 -40.63 12.74 -23.22
C ASP A 83 -39.19 12.50 -23.71
N VAL A 84 -38.88 12.94 -24.91
CA VAL A 84 -37.62 12.62 -25.60
C VAL A 84 -36.90 13.92 -25.86
N ILE A 85 -35.59 13.91 -25.70
CA ILE A 85 -34.78 15.05 -26.04
C ILE A 85 -33.69 14.60 -26.97
N SER A 86 -32.96 15.55 -27.54
CA SER A 86 -31.74 15.19 -28.24
C SER A 86 -30.55 15.80 -27.56
N ILE A 87 -29.43 15.13 -27.66
CA ILE A 87 -28.18 15.53 -27.02
C ILE A 87 -27.04 15.53 -28.03
N GLN A 88 -26.15 16.47 -27.85
CA GLN A 88 -24.92 16.47 -28.62
C GLN A 88 -23.82 17.19 -27.85
N PRO A 89 -22.55 16.88 -28.17
CA PRO A 89 -21.46 17.60 -27.57
C PRO A 89 -21.47 19.06 -28.01
N CYS A 90 -21.08 19.90 -27.07
CA CYS A 90 -21.04 21.31 -27.27
C CYS A 90 -19.69 21.81 -26.83
N PRO A 91 -18.63 21.43 -27.55
CA PRO A 91 -17.26 21.74 -27.10
C PRO A 91 -16.78 23.18 -27.30
N ASP A 92 -17.50 23.93 -28.08
CA ASP A 92 -17.10 25.33 -28.34
C ASP A 92 -17.28 26.33 -27.20
N VAL A 93 -18.06 25.96 -26.19
CA VAL A 93 -18.54 26.91 -25.16
C VAL A 93 -17.40 27.53 -24.40
N LYS A 94 -17.33 28.83 -24.45
CA LYS A 94 -16.22 29.55 -23.81
C LYS A 94 -16.64 30.09 -22.48
N TYR A 95 -15.64 30.49 -21.72
CA TYR A 95 -15.83 31.20 -20.47
C TYR A 95 -16.48 32.52 -20.77
N GLY A 96 -17.48 32.88 -20.02
CA GLY A 96 -18.18 34.14 -20.28
C GLY A 96 -17.45 35.37 -19.77
N LYS A 97 -17.50 36.42 -20.58
CA LYS A 97 -17.05 37.75 -20.14
C LYS A 97 -18.07 38.33 -19.15
N ARG A 98 -19.33 38.18 -19.48
CA ARG A 98 -20.39 38.73 -18.66
C ARG A 98 -21.70 38.13 -19.04
N ILE A 99 -22.59 38.10 -18.06
CA ILE A 99 -23.93 37.63 -18.24
C ILE A 99 -24.88 38.59 -17.53
N HIS A 100 -26.12 38.57 -17.99
CA HIS A 100 -27.17 39.38 -17.39
C HIS A 100 -28.36 38.46 -17.15
N VAL A 101 -28.73 38.38 -15.89
CA VAL A 101 -29.87 37.60 -15.48
C VAL A 101 -30.86 38.50 -14.71
N LEU A 102 -32.15 38.24 -14.88
CA LEU A 102 -33.21 39.00 -14.24
C LEU A 102 -34.16 38.07 -13.57
N PRO A 103 -34.63 38.43 -12.37
CA PRO A 103 -35.58 37.56 -11.65
C PRO A 103 -36.97 37.59 -12.26
N ILE A 104 -37.70 36.54 -12.01
CA ILE A 104 -39.08 36.43 -12.48
C ILE A 104 -39.97 37.13 -11.44
N ASP A 105 -40.76 38.11 -11.91
CA ASP A 105 -41.51 39.02 -11.03
C ASP A 105 -42.19 38.35 -9.90
N ASP A 106 -42.92 37.28 -10.20
CA ASP A 106 -43.73 36.62 -9.18
C ASP A 106 -42.93 35.84 -8.14
N THR A 107 -41.61 35.68 -8.34
CA THR A 107 -40.71 35.10 -7.30
C THR A 107 -39.97 36.15 -6.43
N VAL A 108 -40.06 37.40 -6.82
CA VAL A 108 -39.41 38.51 -6.11
C VAL A 108 -40.43 39.62 -5.85
N GLU A 109 -41.68 39.23 -5.57
CA GLU A 109 -42.72 40.18 -5.16
C GLU A 109 -42.41 40.64 -3.74
N GLY A 110 -42.45 41.94 -3.56
CA GLY A 110 -42.07 42.56 -2.30
C GLY A 110 -40.56 42.65 -2.10
N ILE A 111 -40.13 42.62 -0.85
CA ILE A 111 -38.73 42.97 -0.53
C ILE A 111 -37.84 41.74 -0.71
N THR A 112 -36.85 41.89 -1.57
CA THR A 112 -35.84 40.87 -1.74
C THR A 112 -34.44 41.47 -1.40
N GLY A 113 -33.59 40.70 -0.71
CA GLY A 113 -32.19 41.11 -0.41
C GLY A 113 -31.37 41.17 -1.70
N ASN A 114 -30.07 41.44 -1.64
CA ASN A 114 -29.34 41.66 -2.87
C ASN A 114 -29.27 40.28 -3.62
N LEU A 115 -29.68 40.30 -4.87
CA LEU A 115 -29.83 39.07 -5.61
C LEU A 115 -28.48 38.34 -5.80
N PHE A 116 -27.41 39.10 -6.03
CA PHE A 116 -26.06 38.54 -6.16
C PHE A 116 -25.59 37.88 -4.89
N GLU A 117 -25.68 38.60 -3.78
CA GLU A 117 -25.22 38.08 -2.51
C GLU A 117 -26.02 36.86 -2.02
N VAL A 118 -27.32 36.95 -2.11
CA VAL A 118 -28.16 35.91 -1.50
C VAL A 118 -28.29 34.68 -2.42
N TYR A 119 -28.40 34.93 -3.72
CA TYR A 119 -28.76 33.88 -4.67
C TYR A 119 -27.63 33.53 -5.65
N LEU A 120 -27.24 34.50 -6.45
CA LEU A 120 -26.45 34.23 -7.64
C LEU A 120 -25.00 33.86 -7.32
N LYS A 121 -24.41 34.52 -6.34
CA LYS A 121 -23.03 34.19 -5.97
C LYS A 121 -22.89 32.77 -5.44
N PRO A 122 -23.64 32.43 -4.40
CA PRO A 122 -23.61 31.03 -3.96
C PRO A 122 -23.97 30.00 -5.08
N TYR A 123 -24.92 30.34 -5.91
CA TYR A 123 -25.34 29.46 -7.00
C TYR A 123 -24.19 29.15 -7.97
N PHE A 124 -23.50 30.20 -8.41
CA PHE A 124 -22.47 30.12 -9.42
C PHE A 124 -21.06 29.83 -8.94
N LEU A 125 -20.78 30.15 -7.69
CA LEU A 125 -19.40 30.13 -7.20
C LEU A 125 -18.70 28.77 -7.37
N GLU A 126 -17.63 28.75 -8.15
CA GLU A 126 -16.87 27.52 -8.39
C GLU A 126 -17.65 26.34 -9.03
N ALA A 127 -18.80 26.62 -9.61
CA ALA A 127 -19.64 25.60 -10.23
C ALA A 127 -19.37 25.50 -11.74
N TYR A 128 -18.76 26.51 -12.34
CA TYR A 128 -18.53 26.49 -13.80
C TYR A 128 -19.78 26.07 -14.61
N ARG A 129 -20.89 26.70 -14.29
CA ARG A 129 -22.18 26.40 -14.89
C ARG A 129 -22.28 26.89 -16.33
N PRO A 130 -22.65 26.01 -17.27
CA PRO A 130 -22.91 26.43 -18.60
C PRO A 130 -24.30 27.00 -18.59
N ILE A 131 -24.49 28.12 -19.28
CA ILE A 131 -25.82 28.69 -19.39
C ILE A 131 -26.06 29.20 -20.78
N ARG A 132 -27.33 29.32 -21.09
CA ARG A 132 -27.76 29.80 -22.39
C ARG A 132 -28.74 30.92 -22.25
N LYS A 133 -28.59 31.91 -23.13
CA LYS A 133 -29.58 32.98 -23.29
C LYS A 133 -30.96 32.37 -23.37
N GLY A 134 -31.90 32.91 -22.61
CA GLY A 134 -33.24 32.38 -22.50
C GLY A 134 -33.52 31.30 -21.47
N ASP A 135 -32.48 30.75 -20.86
CA ASP A 135 -32.69 29.78 -19.77
C ASP A 135 -33.45 30.44 -18.61
N ILE A 136 -34.18 29.59 -17.91
CA ILE A 136 -34.77 29.90 -16.65
C ILE A 136 -34.17 28.94 -15.66
N PHE A 137 -33.64 29.46 -14.57
CA PHE A 137 -33.07 28.61 -13.52
C PHE A 137 -33.61 29.02 -12.14
N LEU A 138 -33.45 28.16 -11.17
CA LEU A 138 -34.04 28.33 -9.87
C LEU A 138 -32.94 28.24 -8.83
N VAL A 139 -32.90 29.25 -7.96
CA VAL A 139 -31.96 29.29 -6.83
C VAL A 139 -32.71 29.31 -5.49
N ARG A 140 -32.36 28.41 -4.62
CA ARG A 140 -32.94 28.43 -3.30
C ARG A 140 -32.02 29.25 -2.39
N GLY A 141 -32.55 30.37 -1.89
CA GLY A 141 -31.88 31.23 -0.88
C GLY A 141 -32.55 31.26 0.52
N GLY A 142 -32.73 30.05 1.03
CA GLY A 142 -33.22 29.69 2.40
C GLY A 142 -34.30 30.31 3.26
N MET A 143 -35.55 30.40 2.83
CA MET A 143 -36.20 29.30 2.15
C MET A 143 -36.93 29.77 0.92
N ARG A 144 -36.47 30.89 0.40
CA ARG A 144 -37.08 31.49 -0.74
C ARG A 144 -36.45 30.91 -1.96
N ALA A 145 -37.24 30.68 -2.98
CA ALA A 145 -36.74 30.19 -4.21
C ALA A 145 -37.00 31.29 -5.20
N VAL A 146 -35.94 31.72 -5.85
CA VAL A 146 -36.09 32.72 -6.86
C VAL A 146 -35.71 32.12 -8.18
N GLU A 147 -36.52 32.44 -9.18
CA GLU A 147 -36.28 32.05 -10.54
C GLU A 147 -35.73 33.21 -11.27
N PHE A 148 -34.77 32.91 -12.13
CA PHE A 148 -34.11 33.88 -12.96
C PHE A 148 -34.19 33.49 -14.42
N LYS A 149 -34.12 34.49 -15.28
CA LYS A 149 -33.98 34.31 -16.68
C LYS A 149 -32.64 34.87 -17.16
N VAL A 150 -31.98 34.16 -18.05
CA VAL A 150 -30.78 34.68 -18.66
C VAL A 150 -31.20 35.54 -19.81
N VAL A 151 -30.98 36.86 -19.68
CA VAL A 151 -31.38 37.79 -20.74
C VAL A 151 -30.27 38.13 -21.73
N GLU A 152 -29.05 37.95 -21.28
CA GLU A 152 -27.92 38.12 -22.17
C GLU A 152 -26.73 37.37 -21.68
N THR A 153 -25.93 36.87 -22.63
CA THR A 153 -24.58 36.34 -22.35
C THR A 153 -23.62 36.96 -23.33
N ASP A 154 -22.37 37.00 -22.92
CA ASP A 154 -21.30 37.41 -23.81
C ASP A 154 -20.12 36.50 -23.51
N PRO A 155 -19.67 35.66 -24.48
CA PRO A 155 -20.27 35.50 -25.78
C PRO A 155 -21.70 34.97 -25.77
N SER A 156 -22.35 35.16 -26.89
CA SER A 156 -23.77 34.89 -27.09
C SER A 156 -23.92 33.77 -28.08
N PRO A 157 -24.85 32.81 -27.91
CA PRO A 157 -25.88 32.76 -26.87
C PRO A 157 -25.59 31.84 -25.69
N TYR A 158 -24.39 31.34 -25.59
CA TYR A 158 -24.05 30.57 -24.40
C TYR A 158 -22.62 30.76 -23.94
N CYS A 159 -22.43 30.47 -22.66
CA CYS A 159 -21.11 30.55 -22.06
C CYS A 159 -21.03 29.75 -20.76
N ILE A 160 -19.80 29.63 -20.24
CA ILE A 160 -19.59 29.06 -18.96
C ILE A 160 -19.42 30.22 -18.00
N VAL A 161 -20.05 30.12 -16.83
CA VAL A 161 -19.91 31.17 -15.81
C VAL A 161 -18.71 30.86 -14.89
N ALA A 162 -17.63 31.56 -15.17
CA ALA A 162 -16.31 31.29 -14.57
C ALA A 162 -15.87 32.47 -13.65
N PRO A 163 -14.76 32.32 -12.92
CA PRO A 163 -14.34 33.35 -11.97
C PRO A 163 -14.26 34.75 -12.52
N ASP A 164 -13.78 34.91 -13.73
CA ASP A 164 -13.72 36.26 -14.32
C ASP A 164 -15.02 36.75 -14.90
N THR A 165 -16.05 35.90 -14.96
CA THR A 165 -17.32 36.33 -15.58
C THR A 165 -17.98 37.39 -14.68
N VAL A 166 -18.40 38.49 -15.28
CA VAL A 166 -19.10 39.54 -14.50
C VAL A 166 -20.57 39.25 -14.58
N ILE A 167 -21.18 39.11 -13.42
CA ILE A 167 -22.60 38.83 -13.29
C ILE A 167 -23.44 40.09 -12.99
N HIS A 168 -24.31 40.41 -13.96
CA HIS A 168 -25.20 41.54 -13.92
C HIS A 168 -26.57 41.06 -13.62
N CYS A 169 -27.21 41.69 -12.66
CA CYS A 169 -28.61 41.38 -12.34
C CYS A 169 -29.50 42.59 -12.02
N GLU A 170 -29.16 43.74 -12.59
CA GLU A 170 -29.99 44.93 -12.43
C GLU A 170 -30.99 44.98 -13.51
N GLY A 171 -32.17 45.44 -13.16
CA GLY A 171 -33.20 45.73 -14.14
C GLY A 171 -34.56 45.33 -13.60
N GLU A 172 -35.57 45.61 -14.41
CA GLU A 172 -36.94 45.25 -14.07
C GLU A 172 -37.16 43.71 -14.09
N PRO A 173 -37.79 43.16 -13.06
CA PRO A 173 -38.23 41.80 -13.09
C PRO A 173 -39.07 41.38 -14.31
N ILE A 174 -38.81 40.16 -14.75
CA ILE A 174 -39.44 39.59 -15.94
C ILE A 174 -40.80 39.05 -15.54
N LYS A 175 -41.77 39.21 -16.43
CA LYS A 175 -43.16 38.72 -16.19
C LYS A 175 -43.25 37.26 -16.61
N ARG A 176 -43.92 36.46 -15.81
CA ARG A 176 -44.08 35.06 -16.15
C ARG A 176 -44.86 34.79 -17.49
N GLU A 177 -44.41 33.72 -18.17
CA GLU A 177 -44.99 33.09 -19.40
C GLU A 177 -44.54 33.82 -20.65
N ARG B 1 -31.61 49.03 -27.68
CA ARG B 1 -30.98 47.69 -27.53
C ARG B 1 -30.82 47.37 -26.05
N HIS B 2 -29.90 46.48 -25.71
CA HIS B 2 -29.81 45.97 -24.36
C HIS B 2 -29.04 46.79 -23.28
N ASN B 3 -29.67 47.03 -22.15
CA ASN B 3 -29.04 47.74 -21.06
C ASN B 3 -28.46 46.78 -20.02
N TRP B 4 -27.13 46.65 -19.99
CA TRP B 4 -26.46 45.71 -19.15
C TRP B 4 -26.42 46.11 -17.70
N GLY B 5 -26.43 47.43 -17.43
CA GLY B 5 -26.22 47.95 -16.08
C GLY B 5 -24.85 47.58 -15.56
N GLN B 6 -24.73 47.48 -14.25
CA GLN B 6 -23.46 47.16 -13.63
C GLN B 6 -23.56 45.79 -12.99
N GLY B 7 -22.39 45.21 -12.71
CA GLY B 7 -22.32 43.79 -12.31
C GLY B 7 -21.22 43.48 -11.32
N PHE B 8 -21.18 42.22 -10.86
CA PHE B 8 -20.16 41.68 -10.01
C PHE B 8 -19.34 40.58 -10.68
N ARG B 9 -18.03 40.69 -10.55
CA ARG B 9 -17.13 39.64 -10.99
C ARG B 9 -17.31 38.49 -10.01
N LEU B 10 -17.59 37.28 -10.50
CA LEU B 10 -17.88 36.15 -9.62
C LEU B 10 -16.75 35.80 -8.69
N GLY B 11 -15.53 35.71 -9.20
CA GLY B 11 -14.42 35.24 -8.41
C GLY B 11 -14.40 33.73 -8.21
N ASP B 12 -13.52 33.25 -7.33
CA ASP B 12 -13.37 31.81 -6.99
C ASP B 12 -13.25 31.57 -5.48
N ARG C 7 -19.72 13.05 6.24
CA ARG C 7 -20.09 11.83 5.45
C ARG C 7 -18.97 11.47 4.40
N PRO C 8 -18.66 12.35 3.41
CA PRO C 8 -17.43 12.13 2.61
C PRO C 8 -16.19 12.14 3.48
N ASN C 9 -15.24 11.30 3.16
CA ASN C 9 -13.93 11.33 3.76
C ASN C 9 -12.96 12.26 3.10
N ARG C 10 -12.59 13.28 3.83
CA ARG C 10 -11.84 14.34 3.24
C ARG C 10 -10.45 14.38 3.74
N LEU C 11 -9.56 14.89 2.93
CA LEU C 11 -8.17 15.01 3.29
C LEU C 11 -7.53 16.20 2.60
N ILE C 12 -6.55 16.75 3.28
CA ILE C 12 -5.83 17.91 2.78
C ILE C 12 -4.68 17.44 1.94
N VAL C 13 -4.54 18.09 0.80
CA VAL C 13 -3.51 17.75 -0.19
C VAL C 13 -2.14 18.24 0.23
N ASP C 14 -1.21 17.30 0.23
CA ASP C 14 0.17 17.53 0.62
C ASP C 14 1.13 16.98 -0.47
N GLU C 15 2.38 17.39 -0.38
CA GLU C 15 3.41 17.01 -1.38
C GLU C 15 3.74 15.56 -1.30
N ALA C 16 4.11 15.01 -2.45
CA ALA C 16 4.49 13.62 -2.51
C ALA C 16 5.96 13.46 -2.11
N ILE C 17 6.26 12.34 -1.48
CA ILE C 17 7.66 11.88 -1.28
C ILE C 17 7.97 10.79 -2.30
N ASN C 18 7.09 9.79 -2.39
CA ASN C 18 7.07 8.81 -3.51
C ASN C 18 6.60 9.48 -4.81
N GLU C 19 7.53 9.63 -5.77
CA GLU C 19 7.26 10.41 -7.03
C GLU C 19 6.42 9.72 -8.14
N ASP C 20 6.10 8.45 -7.94
CA ASP C 20 5.19 7.69 -8.81
C ASP C 20 3.76 8.35 -9.00
N ASN C 21 3.42 8.69 -10.25
CA ASN C 21 2.09 9.21 -10.65
C ASN C 21 0.84 8.43 -10.16
N SER C 22 0.96 7.13 -9.97
CA SER C 22 -0.20 6.30 -9.59
C SER C 22 -0.42 6.22 -8.09
N VAL C 23 0.55 6.67 -7.32
CA VAL C 23 0.53 6.45 -5.87
C VAL C 23 0.07 7.70 -5.11
N VAL C 24 -0.83 7.49 -4.15
CA VAL C 24 -1.09 8.44 -3.09
C VAL C 24 -0.80 7.79 -1.76
N SER C 25 -0.36 8.62 -0.82
CA SER C 25 0.00 8.15 0.50
C SER C 25 -0.81 8.75 1.63
N LEU C 26 -1.20 7.85 2.53
CA LEU C 26 -1.95 8.15 3.75
C LEU C 26 -1.13 7.64 4.94
N SER C 27 -1.41 8.18 6.11
CA SER C 27 -0.91 7.61 7.35
C SER C 27 -1.57 6.25 7.56
N GLN C 28 -0.88 5.35 8.23
CA GLN C 28 -1.47 4.02 8.55
C GLN C 28 -2.76 4.12 9.38
N PRO C 29 -2.77 4.97 10.43
CA PRO C 29 -4.04 5.13 11.16
C PRO C 29 -5.24 5.57 10.27
N LYS C 30 -4.99 6.47 9.33
CA LYS C 30 -6.05 6.87 8.41
C LYS C 30 -6.46 5.70 7.49
N MET C 31 -5.47 4.97 6.97
CA MET C 31 -5.76 3.75 6.19
C MET C 31 -6.60 2.75 6.96
N ASP C 32 -6.22 2.53 8.20
CA ASP C 32 -7.03 1.64 9.09
C ASP C 32 -8.45 2.14 9.32
N GLU C 33 -8.59 3.40 9.63
CA GLU C 33 -9.93 4.02 9.76
C GLU C 33 -10.84 3.85 8.53
N LEU C 34 -10.26 4.08 7.37
CA LEU C 34 -10.98 3.87 6.10
C LEU C 34 -11.12 2.44 5.61
N GLN C 35 -10.49 1.51 6.32
CA GLN C 35 -10.46 0.09 5.93
C GLN C 35 -9.82 -0.11 4.56
N LEU C 36 -8.75 0.63 4.35
CA LEU C 36 -7.98 0.52 3.12
C LEU C 36 -6.79 -0.41 3.42
N PHE C 37 -6.40 -1.18 2.42
CA PHE C 37 -5.21 -2.00 2.45
C PHE C 37 -4.19 -1.44 1.50
N ARG C 38 -2.94 -1.62 1.86
CA ARG C 38 -1.83 -1.32 0.94
C ARG C 38 -2.10 -1.86 -0.44
N GLY C 39 -1.95 -1.02 -1.45
CA GLY C 39 -2.16 -1.40 -2.86
C GLY C 39 -3.62 -1.33 -3.35
N ASP C 40 -4.57 -1.01 -2.49
CA ASP C 40 -5.97 -0.83 -2.92
C ASP C 40 -6.10 0.34 -3.89
N THR C 41 -7.05 0.20 -4.78
CA THR C 41 -7.37 1.25 -5.71
C THR C 41 -8.34 2.16 -5.00
N VAL C 42 -8.09 3.46 -5.09
CA VAL C 42 -8.98 4.44 -4.48
C VAL C 42 -9.47 5.44 -5.53
N LEU C 43 -10.67 5.95 -5.30
CA LEU C 43 -11.25 6.99 -6.12
C LEU C 43 -11.16 8.33 -5.40
N LEU C 44 -10.56 9.30 -6.07
CA LEU C 44 -10.36 10.63 -5.52
C LEU C 44 -11.22 11.64 -6.25
N LYS C 45 -11.79 12.57 -5.48
CA LYS C 45 -12.60 13.66 -6.06
C LYS C 45 -12.04 15.02 -5.69
N GLY C 46 -11.86 15.83 -6.72
CA GLY C 46 -11.19 17.09 -6.58
C GLY C 46 -12.14 18.18 -7.00
N LYS C 47 -11.60 19.20 -7.64
CA LYS C 47 -12.43 20.33 -7.98
C LYS C 47 -12.94 20.18 -9.38
N LYS C 48 -13.95 20.96 -9.71
CA LYS C 48 -14.55 20.99 -11.05
C LYS C 48 -15.08 19.62 -11.48
N ARG C 49 -15.59 18.88 -10.53
CA ARG C 49 -16.13 17.54 -10.80
C ARG C 49 -15.11 16.53 -11.29
N ARG C 50 -13.84 16.82 -11.11
CA ARG C 50 -12.78 15.93 -11.54
C ARG C 50 -12.68 14.72 -10.60
N GLU C 51 -12.45 13.58 -11.19
CA GLU C 51 -12.16 12.33 -10.45
C GLU C 51 -10.88 11.62 -11.00
N ALA C 52 -10.22 10.90 -10.11
CA ALA C 52 -9.01 10.15 -10.43
C ALA C 52 -8.94 8.87 -9.63
N VAL C 53 -8.23 7.88 -10.20
CA VAL C 53 -7.98 6.60 -9.55
C VAL C 53 -6.48 6.44 -9.29
N CYS C 54 -6.17 6.03 -8.07
CA CYS C 54 -4.81 5.82 -7.62
C CYS C 54 -4.67 4.61 -6.76
N ILE C 55 -3.42 4.31 -6.46
CA ILE C 55 -3.06 3.23 -5.55
C ILE C 55 -2.67 3.87 -4.23
N VAL C 56 -3.24 3.38 -3.14
CA VAL C 56 -2.95 3.89 -1.83
C VAL C 56 -1.84 3.07 -1.11
N LEU C 57 -0.85 3.77 -0.59
CA LEU C 57 0.22 3.19 0.27
C LEU C 57 0.33 4.02 1.52
N SER C 58 0.91 3.44 2.55
CA SER C 58 1.12 4.21 3.80
C SER C 58 2.38 5.00 3.74
N ASP C 59 2.45 6.02 4.56
CA ASP C 59 3.66 6.84 4.64
C ASP C 59 3.80 7.26 6.10
N ASP C 60 4.99 7.06 6.65
CA ASP C 60 5.21 7.24 8.10
C ASP C 60 5.32 8.69 8.53
N THR C 61 5.51 9.60 7.60
CA THR C 61 5.54 11.05 7.96
C THR C 61 4.25 11.79 7.66
N CYS C 62 3.29 11.12 7.05
CA CYS C 62 2.07 11.73 6.62
C CYS C 62 1.21 12.01 7.83
N SER C 63 0.72 13.23 7.96
CA SER C 63 -0.30 13.53 8.97
C SER C 63 -1.59 12.80 8.66
N ASP C 64 -2.31 12.42 9.72
CA ASP C 64 -3.54 11.66 9.59
C ASP C 64 -4.57 12.30 8.65
N GLU C 65 -4.65 13.61 8.66
CA GLU C 65 -5.65 14.35 7.87
C GLU C 65 -5.19 14.76 6.47
N LYS C 66 -4.00 14.33 6.11
CA LYS C 66 -3.41 14.65 4.84
C LYS C 66 -3.25 13.50 3.88
N ILE C 67 -3.14 13.86 2.60
CA ILE C 67 -2.87 12.92 1.54
C ILE C 67 -1.68 13.46 0.71
N ARG C 68 -0.65 12.64 0.58
CA ARG C 68 0.48 13.00 -0.28
C ARG C 68 0.20 12.56 -1.70
N MET C 69 0.26 13.52 -2.60
CA MET C 69 0.05 13.25 -3.99
C MET C 69 0.92 14.16 -4.84
N ASN C 70 1.44 13.58 -5.93
CA ASN C 70 2.30 14.34 -6.83
C ASN C 70 1.53 15.27 -7.74
N ARG C 71 2.31 16.08 -8.43
CA ARG C 71 1.80 17.22 -9.18
C ARG C 71 0.90 16.79 -10.30
N VAL C 72 1.22 15.66 -10.88
CA VAL C 72 0.40 15.12 -11.99
C VAL C 72 -1.01 14.81 -11.51
N VAL C 73 -1.11 14.20 -10.36
CA VAL C 73 -2.41 13.85 -9.80
C VAL C 73 -3.17 15.10 -9.35
N ARG C 74 -2.44 16.00 -8.69
CA ARG C 74 -3.01 17.33 -8.32
C ARG C 74 -3.62 18.05 -9.52
N ASN C 75 -2.86 18.10 -10.61
CA ASN C 75 -3.35 18.75 -11.85
C ASN C 75 -4.58 18.07 -12.43
N ASN C 76 -4.54 16.76 -12.42
CA ASN C 76 -5.67 15.96 -12.90
C ASN C 76 -6.96 16.18 -12.09
N LEU C 77 -6.78 16.45 -10.80
CA LEU C 77 -7.88 16.76 -9.89
C LEU C 77 -8.20 18.28 -9.78
N ARG C 78 -7.41 19.10 -10.45
CA ARG C 78 -7.51 20.58 -10.42
C ARG C 78 -7.41 21.12 -9.01
N VAL C 79 -6.48 20.60 -8.25
CA VAL C 79 -6.25 21.11 -6.90
C VAL C 79 -4.83 21.55 -6.75
N ARG C 80 -4.62 22.34 -5.72
CA ARG C 80 -3.27 22.75 -5.28
C ARG C 80 -2.94 22.20 -3.88
N LEU C 81 -1.67 22.25 -3.53
CA LEU C 81 -1.25 21.99 -2.16
C LEU C 81 -2.13 22.79 -1.18
N GLY C 82 -2.62 22.12 -0.14
CA GLY C 82 -3.48 22.75 0.83
C GLY C 82 -4.98 22.65 0.58
N ASP C 83 -5.38 22.36 -0.66
CA ASP C 83 -6.80 22.12 -0.97
C ASP C 83 -7.24 20.81 -0.35
N VAL C 84 -8.53 20.54 -0.44
CA VAL C 84 -9.12 19.37 0.18
C VAL C 84 -9.69 18.47 -0.94
N ILE C 85 -9.55 17.18 -0.79
CA ILE C 85 -10.13 16.21 -1.74
C ILE C 85 -10.94 15.26 -0.93
N SER C 86 -11.74 14.47 -1.59
CA SER C 86 -12.37 13.35 -0.91
C SER C 86 -11.86 12.01 -1.51
N ILE C 87 -11.85 10.98 -0.68
CA ILE C 87 -11.30 9.67 -1.00
C ILE C 87 -12.33 8.58 -0.69
N GLN C 88 -12.40 7.57 -1.53
CA GLN C 88 -13.17 6.39 -1.23
C GLN C 88 -12.57 5.16 -1.91
N PRO C 89 -12.87 3.97 -1.38
CA PRO C 89 -12.36 2.80 -2.02
C PRO C 89 -13.02 2.66 -3.36
N CYS C 90 -12.27 2.07 -4.27
CA CYS C 90 -12.75 1.83 -5.61
C CYS C 90 -12.51 0.35 -5.97
N PRO C 91 -13.24 -0.56 -5.32
CA PRO C 91 -12.90 -1.97 -5.46
C PRO C 91 -13.47 -2.47 -6.77
N ASP C 92 -13.00 -3.61 -7.22
CA ASP C 92 -13.50 -4.23 -8.44
C ASP C 92 -13.09 -3.51 -9.73
N VAL C 93 -12.16 -2.56 -9.66
CA VAL C 93 -11.48 -2.05 -10.86
C VAL C 93 -10.81 -3.32 -11.43
N LYS C 94 -11.08 -3.62 -12.68
CA LYS C 94 -10.59 -4.85 -13.32
C LYS C 94 -9.39 -4.54 -14.21
N TYR C 95 -8.69 -5.59 -14.57
CA TYR C 95 -7.60 -5.53 -15.49
C TYR C 95 -8.13 -5.14 -16.85
N GLY C 96 -7.45 -4.23 -17.50
CA GLY C 96 -7.98 -3.73 -18.80
C GLY C 96 -7.72 -4.69 -19.93
N LYS C 97 -8.72 -4.83 -20.80
CA LYS C 97 -8.54 -5.47 -22.09
C LYS C 97 -7.68 -4.59 -23.00
N ARG C 98 -8.01 -3.34 -23.00
CA ARG C 98 -7.33 -2.39 -23.87
C ARG C 98 -7.60 -0.95 -23.43
N ILE C 99 -6.64 -0.09 -23.75
CA ILE C 99 -6.73 1.34 -23.49
C ILE C 99 -6.24 2.09 -24.71
N HIS C 100 -6.74 3.30 -24.83
CA HIS C 100 -6.36 4.19 -25.90
C HIS C 100 -5.95 5.50 -25.26
N VAL C 101 -4.72 5.88 -25.50
CA VAL C 101 -4.15 7.12 -25.00
C VAL C 101 -3.57 7.91 -26.17
N LEU C 102 -3.71 9.23 -26.09
CA LEU C 102 -3.24 10.14 -27.15
C LEU C 102 -2.41 11.23 -26.51
N PRO C 103 -1.27 11.56 -27.14
CA PRO C 103 -0.50 12.67 -26.62
C PRO C 103 -1.21 14.04 -26.76
N ILE C 104 -0.82 14.94 -25.88
CA ILE C 104 -1.28 16.33 -25.95
C ILE C 104 -0.43 17.13 -26.90
N ASP C 105 0.82 17.19 -26.53
CA ASP C 105 1.82 18.00 -27.21
C ASP C 105 1.62 17.84 -28.77
N ASP C 106 1.18 18.91 -29.43
CA ASP C 106 1.12 18.96 -30.93
C ASP C 106 2.52 18.99 -31.64
N THR C 107 3.60 19.02 -30.87
CA THR C 107 4.99 18.89 -31.41
C THR C 107 5.53 17.47 -31.37
N VAL C 108 4.66 16.56 -30.99
CA VAL C 108 5.04 15.12 -30.89
C VAL C 108 5.21 14.36 -32.24
N GLU C 109 4.79 14.93 -33.38
CA GLU C 109 5.27 14.39 -34.70
C GLU C 109 6.79 14.60 -34.81
N GLY C 110 7.27 15.70 -34.21
CA GLY C 110 8.73 15.98 -34.12
C GLY C 110 9.50 15.00 -33.21
N ILE C 111 8.87 13.88 -32.88
CA ILE C 111 9.40 12.84 -32.03
C ILE C 111 9.79 11.61 -32.83
N THR C 112 11.06 11.28 -32.66
CA THR C 112 11.61 10.05 -33.16
C THR C 112 11.83 9.19 -31.90
N GLY C 113 11.13 8.07 -31.76
CA GLY C 113 10.12 7.61 -32.71
C GLY C 113 8.80 7.20 -32.10
N ASN C 114 8.84 5.99 -31.60
CA ASN C 114 7.62 5.29 -31.24
C ASN C 114 7.17 5.63 -29.81
N LEU C 115 5.96 6.17 -29.70
CA LEU C 115 5.42 6.58 -28.40
C LEU C 115 5.41 5.41 -27.45
N PHE C 116 5.03 4.25 -27.96
CA PHE C 116 4.92 3.07 -27.13
C PHE C 116 6.30 2.69 -26.59
N GLU C 117 7.31 2.63 -27.46
CA GLU C 117 8.66 2.19 -27.03
C GLU C 117 9.33 3.23 -26.12
N VAL C 118 9.20 4.49 -26.44
CA VAL C 118 9.90 5.52 -25.70
C VAL C 118 9.19 5.85 -24.39
N TYR C 119 7.86 5.94 -24.43
CA TYR C 119 7.10 6.52 -23.30
C TYR C 119 6.21 5.50 -22.60
N LEU C 120 5.30 4.91 -23.36
CA LEU C 120 4.17 4.19 -22.73
C LEU C 120 4.49 2.81 -22.18
N LYS C 121 5.28 2.07 -22.93
CA LYS C 121 5.76 0.80 -22.39
C LYS C 121 6.54 0.96 -21.07
N PRO C 122 7.59 1.79 -21.08
CA PRO C 122 8.35 1.96 -19.80
C PRO C 122 7.46 2.48 -18.68
N TYR C 123 6.58 3.39 -19.03
CA TYR C 123 5.68 3.97 -18.01
C TYR C 123 4.81 2.91 -17.32
N PHE C 124 4.17 2.07 -18.13
CA PHE C 124 3.19 1.07 -17.66
C PHE C 124 3.79 -0.28 -17.21
N LEU C 125 4.94 -0.65 -17.74
CA LEU C 125 5.50 -2.00 -17.53
C LEU C 125 5.60 -2.41 -16.06
N GLU C 126 4.88 -3.48 -15.70
CA GLU C 126 4.85 -4.01 -14.33
C GLU C 126 4.40 -3.03 -13.22
N ALA C 127 3.74 -1.95 -13.61
CA ALA C 127 3.33 -0.92 -12.66
C ALA C 127 1.88 -1.11 -12.22
N TYR C 128 1.12 -1.90 -12.98
CA TYR C 128 -0.27 -2.14 -12.64
C TYR C 128 -0.99 -0.82 -12.29
N ARG C 129 -0.82 0.17 -13.16
CA ARG C 129 -1.36 1.47 -12.97
C ARG C 129 -2.90 1.48 -13.19
N PRO C 130 -3.67 1.99 -12.20
CA PRO C 130 -5.07 2.27 -12.42
C PRO C 130 -5.18 3.57 -13.20
N ILE C 131 -6.03 3.58 -14.19
CA ILE C 131 -6.23 4.75 -14.93
C ILE C 131 -7.71 4.95 -15.16
N ARG C 132 -8.06 6.19 -15.44
CA ARG C 132 -9.43 6.57 -15.73
C ARG C 132 -9.50 7.29 -17.04
N LYS C 133 -10.55 6.98 -17.77
CA LYS C 133 -10.97 7.80 -18.93
C LYS C 133 -10.99 9.31 -18.57
N GLY C 134 -10.35 10.11 -19.41
CA GLY C 134 -10.17 11.53 -19.16
C GLY C 134 -8.93 11.97 -18.40
N ASP C 135 -8.18 11.03 -17.83
CA ASP C 135 -6.97 11.37 -17.08
C ASP C 135 -5.98 11.97 -18.05
N ILE C 136 -5.17 12.89 -17.51
CA ILE C 136 -3.99 13.39 -18.15
C ILE C 136 -2.80 12.97 -17.32
N PHE C 137 -1.82 12.36 -17.96
CA PHE C 137 -0.65 11.84 -17.21
C PHE C 137 0.59 12.28 -17.95
N LEU C 138 1.70 12.33 -17.25
CA LEU C 138 2.95 12.83 -17.78
C LEU C 138 3.97 11.74 -17.72
N VAL C 139 4.65 11.52 -18.81
CA VAL C 139 5.74 10.51 -18.90
C VAL C 139 7.03 11.20 -19.27
N ARG C 140 8.05 10.92 -18.49
CA ARG C 140 9.41 11.37 -18.78
C ARG C 140 10.01 10.35 -19.66
N GLY C 141 10.54 10.76 -20.77
CA GLY C 141 11.20 9.81 -21.64
C GLY C 141 12.03 10.54 -22.65
N GLY C 142 12.81 9.76 -23.38
CA GLY C 142 13.62 10.21 -24.49
C GLY C 142 14.20 11.53 -24.06
N MET C 143 13.90 12.57 -24.84
CA MET C 143 14.49 13.91 -24.72
C MET C 143 13.65 14.92 -23.88
N ARG C 144 12.41 14.54 -23.63
CA ARG C 144 11.50 15.41 -22.90
C ARG C 144 10.23 14.70 -22.46
N ALA C 145 9.53 15.34 -21.53
CA ALA C 145 8.28 14.90 -20.94
C ALA C 145 7.13 15.03 -21.95
N VAL C 146 6.33 13.99 -22.08
CA VAL C 146 5.12 14.05 -22.91
C VAL C 146 3.91 13.76 -22.04
N GLU C 147 2.88 14.56 -22.28
CA GLU C 147 1.58 14.41 -21.62
C GLU C 147 0.66 13.65 -22.51
N PHE C 148 -0.10 12.75 -21.89
CA PHE C 148 -1.07 11.92 -22.58
C PHE C 148 -2.43 12.04 -21.94
N LYS C 149 -3.45 11.85 -22.75
CA LYS C 149 -4.80 11.78 -22.29
C LYS C 149 -5.33 10.36 -22.52
N VAL C 150 -6.03 9.83 -21.53
CA VAL C 150 -6.72 8.56 -21.68
C VAL C 150 -8.07 8.80 -22.37
N VAL C 151 -8.17 8.37 -23.63
CA VAL C 151 -9.38 8.66 -24.43
C VAL C 151 -10.39 7.52 -24.40
N GLU C 152 -9.92 6.34 -24.07
CA GLU C 152 -10.80 5.20 -23.89
C GLU C 152 -10.15 4.11 -23.09
N THR C 153 -10.95 3.46 -22.25
CA THR C 153 -10.56 2.24 -21.55
C THR C 153 -11.64 1.20 -21.73
N ASP C 154 -11.23 -0.05 -21.66
CA ASP C 154 -12.15 -1.17 -21.77
C ASP C 154 -11.66 -2.22 -20.78
N PRO C 155 -12.39 -2.42 -19.67
CA PRO C 155 -13.70 -1.80 -19.36
C PRO C 155 -13.59 -0.32 -19.04
N SER C 156 -14.76 0.31 -19.08
CA SER C 156 -14.89 1.76 -19.04
C SER C 156 -15.64 2.10 -17.77
N PRO C 157 -15.32 3.17 -17.04
CA PRO C 157 -14.31 4.19 -17.39
C PRO C 157 -12.96 4.04 -16.68
N TYR C 158 -12.79 2.94 -15.93
CA TYR C 158 -11.60 2.64 -15.12
C TYR C 158 -11.05 1.29 -15.43
N CYS C 159 -9.74 1.15 -15.41
CA CYS C 159 -9.12 -0.17 -15.45
C CYS C 159 -7.69 -0.14 -14.91
N ILE C 160 -7.15 -1.32 -14.68
CA ILE C 160 -5.78 -1.48 -14.31
C ILE C 160 -5.01 -1.91 -15.57
N VAL C 161 -3.87 -1.30 -15.80
CA VAL C 161 -3.11 -1.59 -16.99
C VAL C 161 -2.13 -2.71 -16.68
N ALA C 162 -2.49 -3.87 -17.17
CA ALA C 162 -1.82 -5.14 -16.81
C ALA C 162 -1.09 -5.74 -18.02
N PRO C 163 -0.31 -6.82 -17.81
CA PRO C 163 0.43 -7.41 -18.93
C PRO C 163 -0.37 -7.76 -20.17
N ASP C 164 -1.57 -8.27 -20.01
CA ASP C 164 -2.42 -8.57 -21.19
C ASP C 164 -3.13 -7.36 -21.79
N THR C 165 -3.04 -6.20 -21.15
CA THR C 165 -3.77 -5.02 -21.66
C THR C 165 -3.10 -4.58 -22.97
N VAL C 166 -3.90 -4.37 -23.99
CA VAL C 166 -3.38 -3.88 -25.26
C VAL C 166 -3.44 -2.37 -25.22
N ILE C 167 -2.29 -1.75 -25.46
CA ILE C 167 -2.16 -0.31 -25.46
C ILE C 167 -2.15 0.26 -26.86
N HIS C 168 -3.11 1.12 -27.14
CA HIS C 168 -3.25 1.82 -28.42
C HIS C 168 -2.94 3.27 -28.24
N CYS C 169 -2.10 3.79 -29.11
CA CYS C 169 -1.78 5.22 -29.09
C CYS C 169 -1.68 5.86 -30.46
N GLU C 170 -2.38 5.31 -31.44
CA GLU C 170 -2.49 5.94 -32.77
C GLU C 170 -3.60 6.98 -32.75
N GLY C 171 -3.37 8.06 -33.45
CA GLY C 171 -4.38 9.06 -33.70
C GLY C 171 -3.77 10.43 -33.65
N GLU C 172 -4.60 11.40 -33.96
CA GLU C 172 -4.20 12.80 -33.88
C GLU C 172 -3.98 13.27 -32.42
N PRO C 173 -2.93 14.07 -32.20
CA PRO C 173 -2.71 14.65 -30.91
C PRO C 173 -3.86 15.53 -30.44
N ILE C 174 -4.07 15.50 -29.15
CA ILE C 174 -5.14 16.23 -28.52
C ILE C 174 -4.64 17.65 -28.32
N LYS C 175 -5.54 18.60 -28.46
CA LYS C 175 -5.21 20.01 -28.21
C LYS C 175 -5.34 20.37 -26.74
N ARG C 176 -4.43 21.18 -26.23
CA ARG C 176 -4.59 21.66 -24.83
C ARG C 176 -5.90 22.41 -24.61
N GLU C 177 -6.55 22.13 -23.48
CA GLU C 177 -7.86 22.70 -23.21
C GLU C 177 -7.75 24.15 -22.64
N HIS D 2 -15.68 4.49 -32.07
CA HIS D 2 -14.31 4.89 -31.64
C HIS D 2 -13.31 4.06 -32.41
N ASN D 3 -12.48 4.70 -33.21
CA ASN D 3 -11.40 3.98 -33.91
C ASN D 3 -10.22 3.77 -32.97
N TRP D 4 -10.00 2.53 -32.58
CA TRP D 4 -8.95 2.21 -31.66
C TRP D 4 -7.57 2.19 -32.32
N GLY D 5 -7.53 1.92 -33.62
CA GLY D 5 -6.28 1.72 -34.38
C GLY D 5 -5.48 0.49 -33.97
N GLN D 6 -4.19 0.49 -34.24
CA GLN D 6 -3.33 -0.60 -33.82
C GLN D 6 -2.88 -0.45 -32.38
N GLY D 7 -2.80 -1.58 -31.69
CA GLY D 7 -2.33 -1.60 -30.33
C GLY D 7 -1.30 -2.68 -30.10
N PHE D 8 -0.67 -2.63 -28.92
CA PHE D 8 0.43 -3.51 -28.59
C PHE D 8 0.20 -3.97 -27.18
N ARG D 9 0.36 -5.27 -26.97
CA ARG D 9 0.19 -5.89 -25.69
C ARG D 9 1.34 -5.40 -24.80
N LEU D 10 1.07 -4.99 -23.58
CA LEU D 10 2.10 -4.41 -22.72
C LEU D 10 3.14 -5.45 -22.32
N GLY D 11 2.68 -6.61 -21.90
CA GLY D 11 3.57 -7.66 -21.47
C GLY D 11 4.09 -7.44 -20.08
N ASP D 12 4.98 -8.35 -19.68
CA ASP D 12 5.80 -8.17 -18.46
C ASP D 12 7.29 -8.27 -18.79
N ASN E 9 18.20 -4.74 -2.00
CA ASN E 9 18.75 -6.03 -2.41
C ASN E 9 17.73 -6.94 -3.10
N ARG E 10 17.99 -7.24 -4.35
CA ARG E 10 17.05 -8.00 -5.17
C ARG E 10 17.54 -9.45 -5.27
N LEU E 11 16.58 -10.34 -5.34
CA LEU E 11 16.89 -11.78 -5.34
C LEU E 11 15.91 -12.51 -6.21
N ILE E 12 16.38 -13.56 -6.85
CA ILE E 12 15.52 -14.38 -7.66
C ILE E 12 14.82 -15.45 -6.82
N VAL E 13 13.53 -15.56 -7.05
CA VAL E 13 12.68 -16.49 -6.30
C VAL E 13 12.91 -17.95 -6.71
N ASP E 14 13.17 -18.77 -5.69
CA ASP E 14 13.41 -20.19 -5.85
C ASP E 14 12.50 -21.00 -4.90
N GLU E 15 12.40 -22.30 -5.16
CA GLU E 15 11.55 -23.21 -4.39
C GLU E 15 12.07 -23.36 -2.97
N ALA E 16 11.13 -23.60 -2.06
CA ALA E 16 11.48 -23.84 -0.67
C ALA E 16 11.87 -25.29 -0.46
N ILE E 17 12.80 -25.50 0.45
CA ILE E 17 13.07 -26.83 1.03
C ILE E 17 12.37 -26.95 2.39
N ASN E 18 12.59 -25.95 3.25
CA ASN E 18 11.82 -25.76 4.51
C ASN E 18 10.40 -25.25 4.21
N GLU E 19 9.41 -26.11 4.42
CA GLU E 19 8.00 -25.81 4.02
C GLU E 19 7.18 -24.88 4.91
N ASP E 20 7.77 -24.42 6.01
CA ASP E 20 7.14 -23.45 6.92
C ASP E 20 6.82 -22.10 6.22
N ASN E 21 5.56 -21.72 6.23
CA ASN E 21 5.07 -20.40 5.66
C ASN E 21 5.77 -19.14 6.10
N SER E 22 6.27 -19.13 7.32
CA SER E 22 6.93 -17.95 7.86
C SER E 22 8.39 -17.80 7.43
N VAL E 23 8.98 -18.85 6.88
CA VAL E 23 10.42 -18.91 6.65
C VAL E 23 10.78 -18.63 5.20
N VAL E 24 11.81 -17.80 5.02
CA VAL E 24 12.57 -17.72 3.76
C VAL E 24 14.01 -18.02 4.02
N SER E 25 14.63 -18.60 3.01
CA SER E 25 16.03 -18.98 3.11
C SER E 25 16.95 -18.27 2.10
N LEU E 26 18.10 -17.88 2.65
CA LEU E 26 19.17 -17.28 1.92
C LEU E 26 20.44 -18.09 2.12
N SER E 27 21.40 -17.91 1.23
CA SER E 27 22.77 -18.38 1.48
C SER E 27 23.37 -17.58 2.62
N GLN E 28 24.29 -18.22 3.34
CA GLN E 28 24.99 -17.53 4.44
C GLN E 28 25.76 -16.29 3.94
N PRO E 29 26.50 -16.40 2.82
CA PRO E 29 27.19 -15.18 2.32
C PRO E 29 26.25 -14.01 1.99
N LYS E 30 25.07 -14.31 1.46
CA LYS E 30 24.06 -13.27 1.25
C LYS E 30 23.53 -12.70 2.58
N MET E 31 23.25 -13.57 3.54
CA MET E 31 22.87 -13.10 4.90
C MET E 31 23.92 -12.19 5.52
N ASP E 32 25.17 -12.61 5.40
CA ASP E 32 26.31 -11.79 5.88
C ASP E 32 26.41 -10.43 5.17
N GLU E 33 26.32 -10.44 3.86
CA GLU E 33 26.29 -9.18 3.08
C GLU E 33 25.19 -8.19 3.50
N LEU E 34 24.00 -8.73 3.71
CA LEU E 34 22.86 -7.92 4.19
C LEU E 34 22.85 -7.62 5.68
N GLN E 35 23.81 -8.19 6.39
CA GLN E 35 23.89 -8.13 7.85
C GLN E 35 22.57 -8.58 8.54
N LEU E 36 22.09 -9.69 8.03
CA LEU E 36 20.95 -10.38 8.62
C LEU E 36 21.48 -11.49 9.54
N PHE E 37 20.75 -11.74 10.61
CA PHE E 37 21.02 -12.83 11.55
C PHE E 37 19.92 -13.85 11.45
N ARG E 38 20.30 -15.11 11.62
CA ARG E 38 19.32 -16.19 11.74
C ARG E 38 18.16 -15.77 12.62
N GLY E 39 16.94 -15.94 12.12
CA GLY E 39 15.72 -15.61 12.86
C GLY E 39 15.24 -14.16 12.77
N ASP E 40 15.99 -13.28 12.13
CA ASP E 40 15.54 -11.90 11.92
C ASP E 40 14.25 -11.83 11.09
N THR E 41 13.45 -10.84 11.40
CA THR E 41 12.28 -10.52 10.61
C THR E 41 12.76 -9.73 9.39
N VAL E 42 12.31 -10.16 8.23
CA VAL E 42 12.61 -9.43 6.98
C VAL E 42 11.34 -8.95 6.29
N LEU E 43 11.46 -7.83 5.60
CA LEU E 43 10.40 -7.29 4.73
C LEU E 43 10.70 -7.58 3.25
N LEU E 44 9.75 -8.25 2.61
CA LEU E 44 9.87 -8.65 1.25
C LEU E 44 8.90 -7.84 0.37
N LYS E 45 9.39 -7.41 -0.78
CA LYS E 45 8.58 -6.69 -1.78
C LYS E 45 8.52 -7.44 -3.10
N GLY E 46 7.31 -7.67 -3.54
CA GLY E 46 7.05 -8.44 -4.72
C GLY E 46 6.39 -7.60 -5.77
N LYS E 47 5.47 -8.19 -6.49
CA LYS E 47 4.84 -7.48 -7.59
C LYS E 47 3.61 -6.80 -7.07
N LYS E 48 3.14 -5.81 -7.84
CA LYS E 48 1.89 -5.11 -7.56
C LYS E 48 1.93 -4.40 -6.23
N ARG E 49 3.10 -3.93 -5.84
CA ARG E 49 3.32 -3.30 -4.53
C ARG E 49 3.02 -4.19 -3.31
N ARG E 50 2.97 -5.50 -3.53
CA ARG E 50 2.70 -6.42 -2.44
C ARG E 50 3.93 -6.45 -1.53
N GLU E 51 3.65 -6.56 -0.24
CA GLU E 51 4.69 -6.80 0.77
C GLU E 51 4.36 -7.99 1.64
N ALA E 52 5.41 -8.54 2.23
CA ALA E 52 5.30 -9.66 3.19
C ALA E 52 6.40 -9.60 4.20
N VAL E 53 6.10 -10.14 5.37
CA VAL E 53 7.09 -10.26 6.46
C VAL E 53 7.34 -11.74 6.76
N CYS E 54 8.59 -12.08 6.86
CA CYS E 54 9.06 -13.45 7.09
C CYS E 54 10.25 -13.50 8.03
N ILE E 55 10.60 -14.73 8.38
CA ILE E 55 11.77 -15.02 9.20
C ILE E 55 12.82 -15.54 8.24
N VAL E 56 14.02 -15.04 8.36
CA VAL E 56 15.10 -15.48 7.49
C VAL E 56 16.00 -16.55 8.20
N LEU E 57 16.30 -17.64 7.49
CA LEU E 57 17.27 -18.66 7.91
C LEU E 57 18.23 -18.93 6.78
N SER E 58 19.39 -19.48 7.09
CA SER E 58 20.35 -19.82 6.02
C SER E 58 20.03 -21.17 5.43
N ASP E 59 20.51 -21.39 4.23
CA ASP E 59 20.40 -22.67 3.58
C ASP E 59 21.67 -22.88 2.78
N ASP E 60 22.28 -24.04 2.94
CA ASP E 60 23.60 -24.28 2.32
C ASP E 60 23.54 -24.67 0.85
N THR E 61 22.36 -24.99 0.32
CA THR E 61 22.23 -25.19 -1.15
C THR E 61 21.73 -23.97 -1.95
N CYS E 62 21.36 -22.91 -1.25
CA CYS E 62 20.76 -21.71 -1.87
C CYS E 62 21.84 -20.93 -2.59
N SER E 63 21.60 -20.59 -3.85
CA SER E 63 22.52 -19.70 -4.57
C SER E 63 22.49 -18.32 -3.95
N ASP E 64 23.63 -17.65 -3.96
CA ASP E 64 23.76 -16.31 -3.36
C ASP E 64 22.72 -15.29 -3.83
N GLU E 65 22.35 -15.34 -5.11
CA GLU E 65 21.37 -14.39 -5.66
C GLU E 65 19.93 -14.86 -5.65
N LYS E 66 19.69 -15.95 -4.94
CA LYS E 66 18.35 -16.49 -4.82
C LYS E 66 17.78 -16.50 -3.42
N ILE E 67 16.48 -16.66 -3.37
CA ILE E 67 15.74 -16.74 -2.12
C ILE E 67 14.76 -17.88 -2.24
N ARG E 68 14.83 -18.78 -1.27
CA ARG E 68 13.89 -19.90 -1.23
C ARG E 68 12.68 -19.49 -0.46
N MET E 69 11.54 -19.61 -1.10
CA MET E 69 10.28 -19.30 -0.46
C MET E 69 9.19 -20.24 -0.95
N ASN E 70 8.34 -20.63 -0.01
CA ASN E 70 7.22 -21.49 -0.36
C ASN E 70 6.10 -20.78 -1.11
N ARG E 71 5.20 -21.59 -1.59
CA ARG E 71 4.14 -21.18 -2.50
C ARG E 71 3.21 -20.17 -1.83
N VAL E 72 2.97 -20.33 -0.54
CA VAL E 72 2.10 -19.42 0.19
C VAL E 72 2.67 -18.00 0.18
N VAL E 73 3.96 -17.88 0.41
CA VAL E 73 4.65 -16.58 0.37
C VAL E 73 4.71 -16.00 -1.05
N ARG E 74 5.03 -16.86 -2.01
CA ARG E 74 5.05 -16.46 -3.44
C ARG E 74 3.72 -15.83 -3.86
N ASN E 75 2.64 -16.53 -3.51
CA ASN E 75 1.30 -16.07 -3.84
C ASN E 75 0.99 -14.75 -3.21
N ASN E 76 1.37 -14.64 -1.96
CA ASN E 76 1.20 -13.40 -1.21
C ASN E 76 1.93 -12.19 -1.78
N LEU E 77 3.07 -12.47 -2.39
CA LEU E 77 3.89 -11.48 -3.10
C LEU E 77 3.57 -11.35 -4.61
N ARG E 78 2.66 -12.16 -5.09
CA ARG E 78 2.24 -12.19 -6.52
C ARG E 78 3.43 -12.45 -7.44
N VAL E 79 4.27 -13.38 -7.04
CA VAL E 79 5.38 -13.78 -7.85
C VAL E 79 5.35 -15.26 -8.13
N ARG E 80 6.05 -15.63 -9.19
CA ARG E 80 6.28 -17.02 -9.55
C ARG E 80 7.76 -17.34 -9.41
N LEU E 81 8.06 -18.62 -9.42
CA LEU E 81 9.45 -19.08 -9.45
C LEU E 81 10.15 -18.34 -10.58
N GLY E 82 11.37 -17.87 -10.31
CA GLY E 82 12.15 -17.17 -11.33
C GLY E 82 11.96 -15.66 -11.36
N ASP E 83 10.88 -15.15 -10.80
CA ASP E 83 10.68 -13.70 -10.65
C ASP E 83 11.66 -13.16 -9.62
N VAL E 84 11.70 -11.84 -9.50
CA VAL E 84 12.65 -11.14 -8.62
C VAL E 84 11.86 -10.46 -7.52
N ILE E 85 12.40 -10.48 -6.31
CA ILE E 85 11.83 -9.73 -5.20
C ILE E 85 12.91 -8.87 -4.59
N SER E 86 12.55 -7.99 -3.68
CA SER E 86 13.53 -7.28 -2.89
C SER E 86 13.33 -7.58 -1.41
N ILE E 87 14.45 -7.54 -0.69
CA ILE E 87 14.49 -7.92 0.72
C ILE E 87 15.18 -6.85 1.52
N GLN E 88 14.65 -6.62 2.70
CA GLN E 88 15.33 -5.73 3.64
C GLN E 88 15.01 -6.11 5.08
N PRO E 89 15.86 -5.67 6.02
CA PRO E 89 15.56 -6.03 7.40
C PRO E 89 14.35 -5.27 7.82
N CYS E 90 13.64 -5.86 8.75
CA CYS E 90 12.44 -5.27 9.30
C CYS E 90 12.50 -5.32 10.83
N PRO E 91 13.39 -4.53 11.45
CA PRO E 91 13.68 -4.67 12.90
C PRO E 91 12.68 -4.03 13.86
N ASP E 92 11.81 -3.21 13.32
CA ASP E 92 10.82 -2.54 14.14
C ASP E 92 9.61 -3.41 14.60
N VAL E 93 9.51 -4.65 14.14
CA VAL E 93 8.26 -5.45 14.29
C VAL E 93 8.07 -5.88 15.75
N LYS E 94 6.94 -5.49 16.31
CA LYS E 94 6.65 -5.76 17.72
C LYS E 94 5.72 -6.93 17.85
N TYR E 95 5.64 -7.42 19.07
CA TYR E 95 4.69 -8.46 19.46
C TYR E 95 3.29 -7.90 19.37
N GLY E 96 2.39 -8.66 18.78
CA GLY E 96 1.04 -8.12 18.56
C GLY E 96 0.19 -8.15 19.83
N LYS E 97 -0.58 -7.10 20.02
CA LYS E 97 -1.65 -7.09 21.00
C LYS E 97 -2.80 -7.95 20.54
N ARG E 98 -3.17 -7.79 19.28
CA ARG E 98 -4.29 -8.54 18.71
C ARG E 98 -4.26 -8.54 17.21
N ILE E 99 -4.82 -9.60 16.65
CA ILE E 99 -4.96 -9.77 15.22
C ILE E 99 -6.35 -10.28 14.89
N HIS E 100 -6.77 -10.01 13.67
CA HIS E 100 -8.06 -10.47 13.16
C HIS E 100 -7.82 -11.11 11.81
N VAL E 101 -8.16 -12.39 11.75
CA VAL E 101 -8.04 -13.17 10.53
C VAL E 101 -9.40 -13.78 10.17
N LEU E 102 -9.67 -13.88 8.89
CA LEU E 102 -10.94 -14.46 8.39
C LEU E 102 -10.67 -15.51 7.32
N PRO E 103 -11.39 -16.65 7.35
CA PRO E 103 -11.15 -17.70 6.39
C PRO E 103 -11.66 -17.30 5.01
N ILE E 104 -11.08 -17.94 4.02
CA ILE E 104 -11.50 -17.76 2.65
C ILE E 104 -12.67 -18.74 2.42
N ASP E 105 -13.80 -18.19 2.01
CA ASP E 105 -15.09 -18.93 1.94
C ASP E 105 -14.98 -20.31 1.35
N ASP E 106 -14.33 -20.42 0.22
CA ASP E 106 -14.26 -21.71 -0.50
C ASP E 106 -13.38 -22.77 0.15
N THR E 107 -12.59 -22.39 1.15
CA THR E 107 -11.83 -23.37 1.95
C THR E 107 -12.53 -23.83 3.23
N VAL E 108 -13.65 -23.20 3.58
CA VAL E 108 -14.34 -23.58 4.83
C VAL E 108 -15.63 -24.36 4.73
N GLU E 109 -15.92 -24.83 3.55
CA GLU E 109 -17.09 -25.62 3.37
C GLU E 109 -16.70 -27.07 3.64
N GLY E 110 -17.27 -27.80 4.57
CA GLY E 110 -18.18 -27.36 5.60
C GLY E 110 -17.44 -27.76 6.86
N ILE E 111 -16.86 -26.77 7.52
CA ILE E 111 -16.26 -26.92 8.85
C ILE E 111 -17.18 -26.28 9.84
N THR E 112 -17.61 -27.07 10.82
CA THR E 112 -18.32 -26.54 11.99
C THR E 112 -17.42 -26.46 13.26
N GLY E 113 -16.20 -27.02 13.20
CA GLY E 113 -15.23 -26.93 14.33
C GLY E 113 -14.83 -25.47 14.58
N ASN E 114 -14.22 -25.26 15.73
CA ASN E 114 -13.75 -23.96 16.11
C ASN E 114 -12.42 -23.68 15.36
N LEU E 115 -12.43 -22.64 14.55
CA LEU E 115 -11.26 -22.29 13.73
C LEU E 115 -10.02 -22.05 14.58
N PHE E 116 -10.19 -21.39 15.72
CA PHE E 116 -9.09 -21.16 16.62
C PHE E 116 -8.50 -22.45 17.17
N GLU E 117 -9.34 -23.29 17.73
CA GLU E 117 -8.87 -24.56 18.34
C GLU E 117 -8.26 -25.51 17.29
N VAL E 118 -8.90 -25.64 16.16
CA VAL E 118 -8.47 -26.65 15.20
C VAL E 118 -7.32 -26.15 14.31
N TYR E 119 -7.35 -24.89 13.90
CA TYR E 119 -6.38 -24.37 12.87
C TYR E 119 -5.44 -23.35 13.40
N LEU E 120 -5.96 -22.27 13.95
CA LEU E 120 -5.14 -21.10 14.25
C LEU E 120 -4.21 -21.27 15.44
N LYS E 121 -4.73 -21.86 16.52
CA LYS E 121 -3.90 -22.07 17.69
C LYS E 121 -2.70 -22.98 17.38
N PRO E 122 -2.93 -24.14 16.81
CA PRO E 122 -1.78 -24.99 16.42
C PRO E 122 -0.84 -24.33 15.43
N TYR E 123 -1.41 -23.59 14.49
CA TYR E 123 -0.59 -22.88 13.48
C TYR E 123 0.38 -21.90 14.13
N PHE E 124 -0.14 -21.10 15.03
CA PHE E 124 0.62 -20.02 15.68
C PHE E 124 1.40 -20.37 16.92
N LEU E 125 1.00 -21.40 17.63
CA LEU E 125 1.52 -21.68 18.98
C LEU E 125 3.04 -21.83 18.97
N GLU E 126 3.69 -20.97 19.71
CA GLU E 126 5.18 -21.02 19.83
C GLU E 126 5.96 -20.86 18.53
N ALA E 127 5.29 -20.39 17.48
CA ALA E 127 5.93 -20.19 16.18
C ALA E 127 6.45 -18.74 16.00
N TYR E 128 5.97 -17.82 16.81
CA TYR E 128 6.38 -16.40 16.70
C TYR E 128 6.36 -15.88 15.24
N ARG E 129 5.25 -16.17 14.58
CA ARG E 129 5.08 -15.86 13.17
C ARG E 129 4.89 -14.38 12.97
N PRO E 130 5.73 -13.78 12.12
CA PRO E 130 5.47 -12.40 11.68
C PRO E 130 4.33 -12.44 10.68
N ILE E 131 3.40 -11.51 10.81
CA ILE E 131 2.33 -11.40 9.81
C ILE E 131 2.06 -9.94 9.48
N ARG E 132 1.51 -9.75 8.30
CA ARG E 132 1.16 -8.45 7.79
C ARG E 132 -0.31 -8.41 7.43
N LYS E 133 -0.93 -7.31 7.77
CA LYS E 133 -2.26 -6.95 7.24
C LYS E 133 -2.31 -7.18 5.71
N GLY E 134 -3.36 -7.87 5.27
CA GLY E 134 -3.52 -8.29 3.85
C GLY E 134 -2.87 -9.61 3.42
N ASP E 135 -2.08 -10.23 4.28
CA ASP E 135 -1.55 -11.56 3.98
C ASP E 135 -2.66 -12.58 3.83
N ILE E 136 -2.41 -13.55 2.97
CA ILE E 136 -3.16 -14.79 2.93
C ILE E 136 -2.24 -15.92 3.33
N PHE E 137 -2.67 -16.74 4.26
CA PHE E 137 -1.87 -17.87 4.73
C PHE E 137 -2.72 -19.14 4.78
N LEU E 138 -2.05 -20.26 4.82
CA LEU E 138 -2.65 -21.56 4.65
C LEU E 138 -2.30 -22.39 5.83
N VAL E 139 -3.31 -22.98 6.44
CA VAL E 139 -3.15 -23.91 7.58
C VAL E 139 -3.63 -25.28 7.16
N ARG E 140 -2.78 -26.26 7.34
CA ARG E 140 -3.10 -27.65 7.01
C ARG E 140 -3.68 -28.31 8.23
N GLY E 141 -4.83 -28.95 8.05
CA GLY E 141 -5.46 -29.75 9.11
C GLY E 141 -4.90 -31.15 9.11
N GLY E 142 -5.62 -32.10 8.54
CA GLY E 142 -4.96 -33.41 8.36
C GLY E 142 -5.15 -33.46 6.86
N MET E 143 -6.36 -33.86 6.47
CA MET E 143 -6.77 -33.86 5.06
C MET E 143 -7.20 -32.50 4.49
N ARG E 144 -6.95 -31.37 5.15
CA ARG E 144 -7.42 -30.13 4.54
C ARG E 144 -6.67 -28.87 4.90
N ALA E 145 -6.79 -27.96 3.96
CA ALA E 145 -6.06 -26.76 4.03
C ALA E 145 -7.06 -25.61 4.05
N VAL E 146 -7.00 -24.82 5.11
CA VAL E 146 -7.86 -23.67 5.21
C VAL E 146 -6.99 -22.47 5.03
N GLU E 147 -7.47 -21.57 4.20
CA GLU E 147 -6.77 -20.32 3.92
C GLU E 147 -7.43 -19.23 4.71
N PHE E 148 -6.59 -18.35 5.24
CA PHE E 148 -7.05 -17.20 5.98
C PHE E 148 -6.45 -15.92 5.42
N LYS E 149 -7.16 -14.84 5.64
CA LYS E 149 -6.67 -13.50 5.33
C LYS E 149 -6.53 -12.68 6.61
N VAL E 150 -5.43 -11.95 6.70
CA VAL E 150 -5.22 -11.07 7.84
C VAL E 150 -5.91 -9.74 7.54
N VAL E 151 -6.97 -9.46 8.27
CA VAL E 151 -7.81 -8.28 7.98
C VAL E 151 -7.48 -7.09 8.90
N GLU E 152 -6.87 -7.38 10.04
CA GLU E 152 -6.36 -6.36 10.94
C GLU E 152 -5.29 -6.90 11.88
N THR E 153 -4.31 -6.05 12.16
CA THR E 153 -3.29 -6.29 13.20
C THR E 153 -3.17 -5.05 14.07
N ASP E 154 -2.74 -5.28 15.31
CA ASP E 154 -2.46 -4.20 16.24
C ASP E 154 -1.21 -4.60 17.05
N PRO E 155 -0.09 -3.88 16.91
CA PRO E 155 0.07 -2.74 15.97
C PRO E 155 -0.11 -3.06 14.49
N SER E 156 -0.35 -2.00 13.75
CA SER E 156 -0.67 -2.07 12.33
C SER E 156 0.50 -1.51 11.57
N PRO E 157 0.91 -2.09 10.43
CA PRO E 157 0.24 -3.16 9.70
C PRO E 157 0.90 -4.53 9.89
N TYR E 158 1.89 -4.60 10.76
CA TYR E 158 2.50 -5.88 10.98
C TYR E 158 2.89 -6.11 12.42
N CYS E 159 2.94 -7.39 12.77
CA CYS E 159 3.29 -7.78 14.12
C CYS E 159 3.76 -9.20 14.17
N ILE E 160 4.32 -9.56 15.32
CA ILE E 160 4.69 -10.97 15.61
C ILE E 160 3.57 -11.56 16.45
N VAL E 161 3.16 -12.77 16.10
CA VAL E 161 2.05 -13.41 16.83
C VAL E 161 2.62 -14.22 17.97
N ALA E 162 2.47 -13.65 19.15
CA ALA E 162 3.16 -14.12 20.36
C ALA E 162 2.14 -14.64 21.38
N PRO E 163 2.62 -15.26 22.49
CA PRO E 163 1.69 -15.83 23.45
C PRO E 163 0.59 -14.90 23.97
N ASP E 164 0.92 -13.65 24.19
CA ASP E 164 -0.06 -12.67 24.66
C ASP E 164 -0.95 -12.08 23.57
N THR E 165 -0.66 -12.40 22.31
CA THR E 165 -1.47 -11.83 21.22
C THR E 165 -2.88 -12.44 21.25
N VAL E 166 -3.89 -11.60 21.21
CA VAL E 166 -5.29 -12.08 21.17
C VAL E 166 -5.68 -12.28 19.72
N ILE E 167 -6.08 -13.49 19.39
CA ILE E 167 -6.44 -13.88 18.04
C ILE E 167 -7.96 -13.90 17.86
N HIS E 168 -8.44 -13.06 16.95
CA HIS E 168 -9.84 -12.94 16.58
C HIS E 168 -10.06 -13.54 15.22
N CYS E 169 -11.10 -14.36 15.09
CA CYS E 169 -11.47 -14.92 13.79
C CYS E 169 -12.95 -14.99 13.50
N GLU E 170 -13.70 -14.13 14.13
CA GLU E 170 -15.14 -14.06 13.90
C GLU E 170 -15.41 -13.18 12.72
N GLY E 171 -16.39 -13.56 11.95
CA GLY E 171 -16.90 -12.70 10.90
C GLY E 171 -17.21 -13.52 9.69
N GLU E 172 -17.73 -12.85 8.68
CA GLU E 172 -18.06 -13.52 7.43
C GLU E 172 -16.83 -13.94 6.67
N PRO E 173 -16.86 -15.16 6.11
CA PRO E 173 -15.78 -15.61 5.25
C PRO E 173 -15.54 -14.71 4.04
N ILE E 174 -14.29 -14.56 3.72
CA ILE E 174 -13.84 -13.67 2.65
C ILE E 174 -14.01 -14.42 1.34
N LYS E 175 -14.35 -13.68 0.30
CA LYS E 175 -14.50 -14.27 -1.01
C LYS E 175 -13.17 -14.21 -1.76
N ARG E 176 -12.85 -15.24 -2.53
CA ARG E 176 -11.62 -15.16 -3.34
C ARG E 176 -11.55 -13.99 -4.31
N GLU E 177 -10.37 -13.38 -4.39
CA GLU E 177 -9.98 -12.50 -5.49
C GLU E 177 -9.50 -13.33 -6.67
N HIS F 2 -13.65 -0.67 13.16
CA HIS F 2 -13.43 -2.13 12.86
C HIS F 2 -14.00 -3.01 13.97
N ASN F 3 -14.89 -3.94 13.60
CA ASN F 3 -15.43 -4.91 14.55
C ASN F 3 -14.48 -6.09 14.65
N TRP F 4 -13.81 -6.21 15.78
CA TRP F 4 -12.93 -7.34 16.02
C TRP F 4 -13.70 -8.59 16.32
N GLY F 5 -14.89 -8.43 16.90
CA GLY F 5 -15.64 -9.54 17.46
C GLY F 5 -14.87 -10.14 18.64
N GLN F 6 -15.11 -11.41 18.93
CA GLN F 6 -14.51 -12.13 20.07
C GLN F 6 -13.16 -12.77 19.72
N GLY F 7 -12.26 -12.81 20.69
CA GLY F 7 -10.92 -13.39 20.50
C GLY F 7 -10.40 -14.27 21.63
N PHE F 8 -9.32 -14.95 21.35
CA PHE F 8 -8.71 -15.86 22.28
C PHE F 8 -7.21 -15.56 22.31
N ARG F 9 -6.71 -15.50 23.53
CA ARG F 9 -5.28 -15.42 23.82
C ARG F 9 -4.62 -16.63 23.19
N LEU F 10 -3.52 -16.43 22.47
CA LEU F 10 -2.84 -17.59 21.89
C LEU F 10 -2.29 -18.53 23.01
N GLY F 11 -1.56 -17.98 23.96
CA GLY F 11 -0.92 -18.77 25.00
C GLY F 11 0.52 -19.18 24.70
N PRO G 8 15.55 -38.61 21.53
CA PRO G 8 16.72 -39.04 22.35
C PRO G 8 17.64 -37.86 22.67
N ASN G 9 17.77 -37.03 21.65
CA ASN G 9 18.47 -35.77 21.71
C ASN G 9 17.62 -34.53 22.07
N ARG G 10 16.46 -34.72 22.68
CA ARG G 10 15.74 -33.63 23.25
C ARG G 10 15.95 -33.73 24.74
N LEU G 11 16.19 -32.61 25.36
CA LEU G 11 16.62 -32.61 26.77
C LEU G 11 16.01 -31.47 27.48
N ILE G 12 15.77 -31.67 28.76
CA ILE G 12 15.17 -30.64 29.57
C ILE G 12 16.26 -29.79 30.19
N VAL G 13 16.06 -28.50 30.12
CA VAL G 13 17.01 -27.52 30.59
C VAL G 13 17.05 -27.46 32.11
N ASP G 14 18.26 -27.55 32.63
CA ASP G 14 18.54 -27.50 34.04
C ASP G 14 19.66 -26.49 34.32
N GLU G 15 19.79 -26.13 35.59
CA GLU G 15 20.83 -25.19 35.98
C GLU G 15 22.24 -25.74 35.87
N ALA G 16 23.15 -24.82 35.63
CA ALA G 16 24.55 -25.16 35.53
C ALA G 16 25.17 -25.28 36.91
N ILE G 17 26.13 -26.17 37.00
CA ILE G 17 27.05 -26.26 38.14
C ILE G 17 28.43 -25.72 37.77
N ASN G 18 28.92 -26.09 36.59
CA ASN G 18 30.07 -25.44 35.94
C ASN G 18 29.63 -24.11 35.30
N GLU G 19 30.11 -23.01 35.87
CA GLU G 19 29.66 -21.64 35.46
C GLU G 19 30.17 -21.07 34.13
N ASP G 20 31.09 -21.77 33.51
CA ASP G 20 31.62 -21.39 32.19
C ASP G 20 30.55 -21.29 31.07
N ASN G 21 30.42 -20.11 30.46
CA ASN G 21 29.50 -19.84 29.32
C ASN G 21 29.53 -20.82 28.14
N SER G 22 30.70 -21.39 27.89
CA SER G 22 30.87 -22.28 26.75
C SER G 22 30.45 -23.73 27.03
N VAL G 23 30.27 -24.08 28.29
CA VAL G 23 30.07 -25.47 28.67
C VAL G 23 28.59 -25.82 28.90
N VAL G 24 28.17 -26.95 28.35
CA VAL G 24 26.95 -27.65 28.76
C VAL G 24 27.30 -29.03 29.26
N SER G 25 26.52 -29.49 30.21
CA SER G 25 26.75 -30.78 30.82
C SER G 25 25.59 -31.77 30.60
N LEU G 26 26.00 -33.00 30.32
CA LEU G 26 25.13 -34.16 30.17
C LEU G 26 25.60 -35.28 31.09
N SER G 27 24.71 -36.22 31.39
CA SER G 27 25.10 -37.45 32.08
C SER G 27 25.97 -38.27 31.12
N GLN G 28 26.86 -39.07 31.66
CA GLN G 28 27.69 -39.95 30.81
C GLN G 28 26.84 -40.93 29.95
N PRO G 29 25.83 -41.57 30.56
CA PRO G 29 24.97 -42.44 29.73
C PRO G 29 24.28 -41.73 28.56
N LYS G 30 23.86 -40.50 28.76
CA LYS G 30 23.32 -39.72 27.66
C LYS G 30 24.36 -39.37 26.62
N MET G 31 25.55 -38.97 27.07
CA MET G 31 26.68 -38.76 26.14
C MET G 31 26.97 -40.00 25.32
N ASP G 32 27.06 -41.12 25.99
CA ASP G 32 27.24 -42.46 25.30
C ASP G 32 26.13 -42.77 24.26
N GLU G 33 24.89 -42.61 24.67
CA GLU G 33 23.75 -42.78 23.76
C GLU G 33 23.82 -41.89 22.50
N LEU G 34 24.17 -40.64 22.70
CA LEU G 34 24.41 -39.69 21.58
C LEU G 34 25.72 -39.81 20.83
N GLN G 35 26.62 -40.65 21.34
CA GLN G 35 27.99 -40.77 20.78
C GLN G 35 28.74 -39.45 20.76
N LEU G 36 28.58 -38.72 21.83
CA LEU G 36 29.35 -37.50 22.07
C LEU G 36 30.54 -37.87 22.95
N PHE G 37 31.62 -37.14 22.77
CA PHE G 37 32.87 -37.30 23.55
C PHE G 37 33.09 -36.05 24.35
N ARG G 38 33.67 -36.20 25.54
CA ARG G 38 34.09 -35.03 26.32
C ARG G 38 34.82 -34.02 25.44
N GLY G 39 34.41 -32.77 25.54
CA GLY G 39 35.00 -31.66 24.78
C GLY G 39 34.45 -31.43 23.38
N ASP G 40 33.60 -32.31 22.90
CA ASP G 40 32.99 -32.12 21.55
C ASP G 40 32.21 -30.80 21.49
N THR G 41 32.19 -30.21 20.30
CA THR G 41 31.35 -29.07 20.02
C THR G 41 29.99 -29.61 19.73
N VAL G 42 29.00 -29.01 20.36
CA VAL G 42 27.61 -29.39 20.07
C VAL G 42 26.79 -28.18 19.62
N LEU G 43 25.80 -28.48 18.78
CA LEU G 43 24.83 -27.47 18.35
C LEU G 43 23.52 -27.67 19.11
N LEU G 44 23.09 -26.60 19.73
CA LEU G 44 21.86 -26.61 20.51
C LEU G 44 20.79 -25.78 19.78
N LYS G 45 19.55 -26.29 19.83
CA LYS G 45 18.38 -25.58 19.26
C LYS G 45 17.32 -25.34 20.29
N GLY G 46 16.95 -24.08 20.39
CA GLY G 46 16.05 -23.63 21.44
C GLY G 46 14.76 -23.12 20.83
N LYS G 47 14.22 -22.10 21.43
CA LYS G 47 12.99 -21.52 20.90
C LYS G 47 13.29 -20.42 19.92
N LYS G 48 12.29 -20.08 19.13
CA LYS G 48 12.35 -18.96 18.15
C LYS G 48 13.42 -19.16 17.12
N ARG G 49 13.65 -20.41 16.75
CA ARG G 49 14.69 -20.76 15.78
C ARG G 49 16.13 -20.42 16.22
N ARG G 50 16.31 -20.13 17.51
CA ARG G 50 17.61 -19.80 18.05
C ARG G 50 18.50 -21.04 18.10
N GLU G 51 19.78 -20.79 17.80
CA GLU G 51 20.84 -21.79 17.93
C GLU G 51 21.98 -21.29 18.74
N ALA G 52 22.68 -22.24 19.33
CA ALA G 52 23.93 -21.98 20.04
C ALA G 52 24.91 -23.14 19.91
N VAL G 53 26.17 -22.79 20.02
CA VAL G 53 27.28 -23.78 19.99
C VAL G 53 27.98 -23.76 21.34
N CYS G 54 28.18 -24.96 21.88
CA CYS G 54 28.84 -25.17 23.17
C CYS G 54 29.76 -26.38 23.18
N ILE G 55 30.46 -26.53 24.28
CA ILE G 55 31.33 -27.65 24.55
C ILE G 55 30.62 -28.53 25.53
N VAL G 56 30.56 -29.84 25.23
CA VAL G 56 29.86 -30.79 26.11
C VAL G 56 30.86 -31.50 27.06
N LEU G 57 30.52 -31.54 28.35
CA LEU G 57 31.24 -32.31 29.36
C LEU G 57 30.23 -33.18 30.12
N SER G 58 30.72 -34.24 30.77
CA SER G 58 29.84 -35.07 31.59
C SER G 58 29.72 -34.51 32.96
N ASP G 59 28.64 -34.88 33.61
CA ASP G 59 28.39 -34.44 34.97
C ASP G 59 27.70 -35.59 35.64
N ASP G 60 28.19 -36.01 36.77
CA ASP G 60 27.61 -37.18 37.48
C ASP G 60 26.31 -36.93 38.21
N THR G 61 25.94 -35.69 38.44
CA THR G 61 24.67 -35.40 39.09
C THR G 61 23.56 -35.05 38.12
N CYS G 62 23.91 -34.93 36.84
CA CYS G 62 22.95 -34.59 35.82
C CYS G 62 22.04 -35.77 35.53
N SER G 63 20.74 -35.54 35.54
CA SER G 63 19.80 -36.59 35.11
C SER G 63 19.96 -36.87 33.64
N ASP G 64 19.72 -38.11 33.25
CA ASP G 64 19.90 -38.53 31.85
C ASP G 64 19.14 -37.67 30.85
N GLU G 65 17.95 -37.25 31.23
CA GLU G 65 17.05 -36.50 30.35
C GLU G 65 17.20 -34.98 30.45
N LYS G 66 18.19 -34.54 31.21
CA LYS G 66 18.50 -33.15 31.37
C LYS G 66 19.85 -32.65 30.83
N ILE G 67 19.91 -31.34 30.65
CA ILE G 67 21.11 -30.63 30.20
C ILE G 67 21.33 -29.43 31.09
N ARG G 68 22.52 -29.38 31.67
CA ARG G 68 22.86 -28.26 32.50
C ARG G 68 23.46 -27.18 31.62
N MET G 69 22.87 -26.00 31.70
CA MET G 69 23.39 -24.87 30.99
C MET G 69 23.17 -23.59 31.78
N ASN G 70 24.16 -22.70 31.69
CA ASN G 70 24.07 -21.43 32.41
C ASN G 70 23.14 -20.43 31.74
N ARG G 71 22.92 -19.35 32.47
CA ARG G 71 21.89 -18.37 32.13
C ARG G 71 22.19 -17.70 30.81
N VAL G 72 23.47 -17.50 30.55
CA VAL G 72 23.91 -16.86 29.31
C VAL G 72 23.49 -17.70 28.11
N VAL G 73 23.69 -19.00 28.21
CA VAL G 73 23.28 -19.92 27.12
C VAL G 73 21.76 -20.02 26.98
N ARG G 74 21.09 -20.15 28.12
CA ARG G 74 19.60 -20.17 28.16
C ARG G 74 19.01 -18.98 27.44
N ASN G 75 19.57 -17.82 27.74
CA ASN G 75 19.09 -16.59 27.09
C ASN G 75 19.29 -16.60 25.62
N ASN G 76 20.47 -17.04 25.25
CA ASN G 76 20.86 -17.09 23.85
C ASN G 76 19.97 -18.01 23.04
N LEU G 77 19.45 -19.04 23.73
CA LEU G 77 18.48 -19.98 23.17
C LEU G 77 16.99 -19.63 23.40
N ARG G 78 16.75 -18.56 24.13
CA ARG G 78 15.38 -18.11 24.51
C ARG G 78 14.59 -19.17 25.26
N VAL G 79 15.24 -19.81 26.21
CA VAL G 79 14.60 -20.82 27.01
C VAL G 79 14.77 -20.50 28.46
N ARG G 80 13.91 -21.13 29.25
CA ARG G 80 13.99 -21.06 30.71
C ARG G 80 14.25 -22.45 31.28
N LEU G 81 14.61 -22.46 32.55
CA LEU G 81 14.71 -23.72 33.28
C LEU G 81 13.43 -24.50 33.05
N GLY G 82 13.56 -25.78 32.78
CA GLY G 82 12.40 -26.64 32.57
C GLY G 82 11.95 -26.79 31.13
N ASP G 83 12.37 -25.88 30.26
CA ASP G 83 12.06 -25.97 28.82
C ASP G 83 12.85 -27.11 28.21
N VAL G 84 12.57 -27.41 26.94
CA VAL G 84 13.20 -28.47 26.21
C VAL G 84 14.02 -27.91 25.07
N ILE G 85 15.20 -28.46 24.86
CA ILE G 85 16.05 -28.07 23.71
C ILE G 85 16.39 -29.33 22.96
N SER G 86 16.97 -29.17 21.79
CA SER G 86 17.54 -30.30 21.09
C SER G 86 19.05 -30.11 20.91
N ILE G 87 19.74 -31.22 20.90
CA ILE G 87 21.20 -31.24 20.87
C ILE G 87 21.67 -32.14 19.75
N GLN G 88 22.72 -31.71 19.08
CA GLN G 88 23.38 -32.53 18.05
C GLN G 88 24.87 -32.26 18.03
N PRO G 89 25.64 -33.22 17.50
CA PRO G 89 27.03 -32.94 17.33
C PRO G 89 27.18 -31.89 16.27
N CYS G 90 28.21 -31.10 16.43
CA CYS G 90 28.52 -30.06 15.52
C CYS G 90 29.97 -30.18 15.11
N PRO G 91 30.29 -31.22 14.34
CA PRO G 91 31.62 -31.17 13.87
C PRO G 91 31.59 -30.19 12.67
N ASP G 92 32.73 -30.09 12.02
CA ASP G 92 32.93 -29.15 10.96
C ASP G 92 32.98 -27.72 11.48
N VAL G 93 32.99 -27.50 12.80
CA VAL G 93 33.28 -26.18 13.35
C VAL G 93 34.79 -26.01 13.30
N LYS G 94 35.23 -25.00 12.56
CA LYS G 94 36.65 -24.78 12.34
C LYS G 94 37.13 -23.69 13.24
N TYR G 95 38.44 -23.62 13.35
CA TYR G 95 39.10 -22.53 14.03
C TYR G 95 38.84 -21.23 13.26
N GLY G 96 38.51 -20.17 13.96
CA GLY G 96 38.16 -18.92 13.29
C GLY G 96 39.39 -18.14 12.79
N LYS G 97 39.28 -17.60 11.59
CA LYS G 97 40.26 -16.63 11.06
C LYS G 97 40.09 -15.32 11.78
N ARG G 98 38.85 -14.93 11.98
CA ARG G 98 38.54 -13.67 12.65
C ARG G 98 37.08 -13.63 13.08
N ILE G 99 36.86 -12.85 14.12
CA ILE G 99 35.55 -12.57 14.62
C ILE G 99 35.43 -11.08 14.92
N HIS G 100 34.19 -10.63 14.95
CA HIS G 100 33.86 -9.26 15.28
C HIS G 100 32.74 -9.28 16.30
N VAL G 101 33.03 -8.67 17.44
CA VAL G 101 32.10 -8.58 18.53
C VAL G 101 31.97 -7.11 18.93
N LEU G 102 30.78 -6.74 19.35
CA LEU G 102 30.50 -5.37 19.78
C LEU G 102 29.79 -5.39 21.12
N PRO G 103 30.14 -4.46 22.02
CA PRO G 103 29.49 -4.41 23.31
C PRO G 103 28.05 -3.88 23.22
N ILE G 104 27.28 -4.22 24.23
CA ILE G 104 25.91 -3.76 24.34
C ILE G 104 25.99 -2.40 25.06
N ASP G 105 25.45 -1.37 24.40
CA ASP G 105 25.61 0.05 24.84
C ASP G 105 25.44 0.28 26.34
N ASP G 106 24.36 -0.24 26.90
CA ASP G 106 24.05 0.01 28.31
C ASP G 106 24.97 -0.70 29.32
N THR G 107 25.81 -1.62 28.85
CA THR G 107 26.85 -2.25 29.71
C THR G 107 28.20 -1.55 29.63
N VAL G 108 28.33 -0.61 28.68
CA VAL G 108 29.60 0.12 28.46
C VAL G 108 29.61 1.62 28.80
N GLU G 109 28.68 2.01 29.65
CA GLU G 109 28.67 3.36 30.20
C GLU G 109 29.89 3.56 31.10
N GLY G 110 30.65 4.63 30.83
CA GLY G 110 31.87 4.93 31.57
C GLY G 110 32.94 3.86 31.61
N ILE G 111 33.38 3.48 30.42
CA ILE G 111 34.39 2.45 30.23
C ILE G 111 35.44 2.96 29.26
N THR G 112 36.53 3.40 29.83
CA THR G 112 37.69 3.78 29.03
C THR G 112 38.79 2.81 29.45
N GLY G 113 38.67 1.65 28.82
CA GLY G 113 39.69 0.65 28.84
C GLY G 113 39.68 0.02 27.48
N ASN G 114 40.71 -0.77 27.23
CA ASN G 114 40.77 -1.55 26.01
C ASN G 114 39.79 -2.73 26.21
N LEU G 115 38.73 -2.80 25.41
CA LEU G 115 37.78 -3.93 25.55
C LEU G 115 38.52 -5.25 25.35
N PHE G 116 39.44 -5.28 24.40
CA PHE G 116 40.25 -6.46 24.12
C PHE G 116 41.11 -6.84 25.34
N GLU G 117 41.84 -5.86 25.85
CA GLU G 117 42.73 -6.10 26.98
C GLU G 117 41.98 -6.47 28.27
N VAL G 118 40.93 -5.74 28.57
CA VAL G 118 40.24 -5.93 29.87
C VAL G 118 39.30 -7.14 29.85
N TYR G 119 38.60 -7.33 28.74
CA TYR G 119 37.50 -8.30 28.69
C TYR G 119 37.75 -9.46 27.77
N LEU G 120 37.96 -9.17 26.50
CA LEU G 120 37.92 -10.20 25.46
C LEU G 120 39.11 -11.14 25.46
N LYS G 121 40.30 -10.59 25.63
CA LYS G 121 41.48 -11.44 25.69
C LYS G 121 41.44 -12.45 26.87
N PRO G 122 41.24 -11.98 28.10
CA PRO G 122 41.09 -12.92 29.23
C PRO G 122 39.95 -13.91 29.05
N TYR G 123 38.84 -13.44 28.52
CA TYR G 123 37.67 -14.29 28.29
C TYR G 123 38.00 -15.47 27.34
N PHE G 124 38.61 -15.16 26.21
CA PHE G 124 38.90 -16.12 25.16
C PHE G 124 40.24 -16.91 25.30
N LEU G 125 41.20 -16.37 26.02
CA LEU G 125 42.58 -16.92 25.98
C LEU G 125 42.64 -18.39 26.41
N GLU G 126 43.07 -19.24 25.51
CA GLU G 126 43.20 -20.69 25.77
C GLU G 126 41.89 -21.41 26.14
N ALA G 127 40.75 -20.79 25.88
CA ALA G 127 39.45 -21.37 26.19
C ALA G 127 38.87 -22.11 25.01
N TYR G 128 39.38 -21.85 23.82
CA TYR G 128 38.86 -22.52 22.60
C TYR G 128 37.29 -22.51 22.56
N ARG G 129 36.74 -21.34 22.82
CA ARG G 129 35.30 -21.13 22.88
C ARG G 129 34.66 -21.21 21.49
N PRO G 130 33.69 -22.10 21.32
CA PRO G 130 32.88 -22.06 20.14
C PRO G 130 31.90 -20.90 20.24
N ILE G 131 31.75 -20.15 19.17
CA ILE G 131 30.80 -19.04 19.15
C ILE G 131 30.03 -19.00 17.86
N ARG G 132 28.86 -18.42 17.95
CA ARG G 132 27.97 -18.28 16.77
C ARG G 132 27.63 -16.84 16.55
N LYS G 133 27.63 -16.46 15.29
CA LYS G 133 27.05 -15.20 14.86
C LYS G 133 25.68 -15.00 15.54
N GLY G 134 25.49 -13.83 16.12
CA GLY G 134 24.24 -13.47 16.86
C GLY G 134 24.22 -13.80 18.35
N ASP G 135 25.22 -14.54 18.82
CA ASP G 135 25.32 -14.83 20.23
C ASP G 135 25.49 -13.53 21.02
N ILE G 136 24.95 -13.54 22.22
CA ILE G 136 25.23 -12.54 23.23
C ILE G 136 25.93 -13.26 24.36
N PHE G 137 27.07 -12.76 24.78
CA PHE G 137 27.82 -13.37 25.88
C PHE G 137 28.20 -12.30 26.89
N LEU G 138 28.52 -12.75 28.07
CA LEU G 138 28.78 -11.89 29.18
C LEU G 138 30.17 -12.17 29.68
N VAL G 139 30.95 -11.10 29.83
CA VAL G 139 32.31 -11.15 30.38
C VAL G 139 32.40 -10.35 31.67
N ARG G 140 32.78 -11.04 32.73
CA ARG G 140 32.93 -10.41 34.03
C ARG G 140 34.33 -9.85 33.99
N GLY G 141 34.43 -8.54 34.03
CA GLY G 141 35.74 -7.92 33.96
C GLY G 141 35.77 -6.47 34.34
N GLY G 142 36.95 -6.06 34.80
CA GLY G 142 37.13 -4.75 35.39
C GLY G 142 36.29 -4.68 36.65
N MET G 143 35.38 -3.72 36.70
CA MET G 143 34.53 -3.52 37.87
C MET G 143 33.05 -3.74 37.61
N ARG G 144 32.75 -4.22 36.41
CA ARG G 144 31.39 -4.41 35.94
C ARG G 144 31.37 -5.45 34.80
N ALA G 145 30.26 -6.16 34.66
CA ALA G 145 30.09 -7.17 33.61
C ALA G 145 29.69 -6.52 32.29
N VAL G 146 30.36 -6.89 31.21
CA VAL G 146 30.03 -6.34 29.91
C VAL G 146 29.48 -7.43 29.04
N GLU G 147 28.42 -7.09 28.34
CA GLU G 147 27.80 -7.99 27.39
C GLU G 147 28.21 -7.61 26.00
N PHE G 148 28.47 -8.63 25.20
CA PHE G 148 28.88 -8.46 23.81
C PHE G 148 28.02 -9.28 22.90
N LYS G 149 27.94 -8.82 21.67
CA LYS G 149 27.24 -9.51 20.63
C LYS G 149 28.22 -9.91 19.56
N VAL G 150 28.07 -11.13 19.05
CA VAL G 150 28.89 -11.58 17.94
C VAL G 150 28.22 -11.11 16.66
N VAL G 151 28.85 -10.15 15.99
CA VAL G 151 28.25 -9.56 14.77
C VAL G 151 28.77 -10.20 13.48
N GLU G 152 29.95 -10.75 13.55
CA GLU G 152 30.48 -11.50 12.41
C GLU G 152 31.52 -12.53 12.87
N THR G 153 31.53 -13.65 12.17
CA THR G 153 32.59 -14.67 12.31
C THR G 153 33.06 -15.04 10.92
N ASP G 154 34.29 -15.50 10.86
CA ASP G 154 34.84 -16.06 9.62
C ASP G 154 35.70 -17.27 10.01
N PRO G 155 35.29 -18.49 9.64
CA PRO G 155 34.09 -18.77 8.82
C PRO G 155 32.78 -18.45 9.53
N SER G 156 31.73 -18.38 8.72
CA SER G 156 30.40 -17.94 9.14
C SER G 156 29.50 -19.13 9.04
N PRO G 157 28.60 -19.38 9.99
CA PRO G 157 28.22 -18.48 11.09
C PRO G 157 28.78 -18.88 12.44
N TYR G 158 29.66 -19.87 12.45
CA TYR G 158 30.27 -20.25 13.68
C TYR G 158 31.69 -20.65 13.53
N CYS G 159 32.42 -20.50 14.63
CA CYS G 159 33.83 -20.89 14.66
C CYS G 159 34.30 -21.09 16.08
N ILE G 160 35.50 -21.65 16.19
CA ILE G 160 36.18 -21.78 17.48
C ILE G 160 37.14 -20.62 17.57
N VAL G 161 37.19 -19.99 18.72
CA VAL G 161 38.08 -18.88 18.90
C VAL G 161 39.44 -19.40 19.43
N ALA G 162 40.38 -19.45 18.50
CA ALA G 162 41.70 -20.12 18.70
C ALA G 162 42.84 -19.11 18.65
N PRO G 163 44.07 -19.55 18.99
CA PRO G 163 45.17 -18.56 19.12
C PRO G 163 45.41 -17.69 17.89
N ASP G 164 45.25 -18.26 16.72
CA ASP G 164 45.40 -17.49 15.48
C ASP G 164 44.19 -16.64 15.10
N THR G 165 43.09 -16.76 15.83
CA THR G 165 41.89 -16.00 15.49
C THR G 165 42.14 -14.53 15.78
N VAL G 166 41.85 -13.69 14.81
CA VAL G 166 41.97 -12.22 15.02
C VAL G 166 40.63 -11.71 15.56
N ILE G 167 40.69 -11.08 16.71
CA ILE G 167 39.51 -10.54 17.39
C ILE G 167 39.35 -9.04 17.13
N HIS G 168 38.24 -8.67 16.52
CA HIS G 168 37.86 -7.28 16.23
C HIS G 168 36.74 -6.86 17.14
N CYS G 169 36.88 -5.69 17.73
CA CYS G 169 35.80 -5.14 18.56
C CYS G 169 35.57 -3.64 18.41
N GLU G 170 35.94 -3.10 17.26
CA GLU G 170 35.72 -1.67 16.99
C GLU G 170 34.36 -1.50 16.37
N GLY G 171 33.69 -0.44 16.76
CA GLY G 171 32.45 -0.04 16.12
C GLY G 171 31.52 0.54 17.15
N GLU G 172 30.37 0.97 16.67
CA GLU G 172 29.31 1.50 17.49
C GLU G 172 28.70 0.43 18.43
N PRO G 173 28.60 0.71 19.75
CA PRO G 173 27.87 -0.19 20.64
C PRO G 173 26.44 -0.53 20.20
N ILE G 174 26.06 -1.76 20.43
CA ILE G 174 24.77 -2.29 20.01
C ILE G 174 23.71 -1.87 21.02
N LYS G 175 22.51 -1.59 20.49
CA LYS G 175 21.27 -1.23 21.22
C LYS G 175 20.84 0.19 20.89
N HIS H 2 31.01 -5.63 4.79
CA HIS H 2 31.13 -5.56 6.27
C HIS H 2 32.44 -4.86 6.65
N ASN H 3 32.35 -3.87 7.53
CA ASN H 3 33.54 -3.18 7.99
C ASN H 3 34.10 -3.86 9.25
N TRP H 4 35.12 -4.71 9.05
CA TRP H 4 35.77 -5.40 10.15
C TRP H 4 36.48 -4.50 11.14
N GLY H 5 37.04 -3.39 10.66
CA GLY H 5 37.93 -2.56 11.45
C GLY H 5 39.26 -3.26 11.68
N GLN H 6 39.90 -2.93 12.78
CA GLN H 6 41.22 -3.48 13.10
C GLN H 6 41.08 -4.46 14.27
N GLY H 7 41.84 -5.56 14.20
CA GLY H 7 41.79 -6.61 15.23
C GLY H 7 43.15 -7.09 15.70
N PHE H 8 43.13 -7.86 16.77
CA PHE H 8 44.32 -8.34 17.44
C PHE H 8 44.20 -9.86 17.53
N ARG H 9 45.28 -10.52 17.14
CA ARG H 9 45.43 -11.95 17.24
C ARG H 9 45.33 -12.35 18.70
N LEU H 10 44.51 -13.34 19.01
CA LEU H 10 44.30 -13.73 20.42
C LEU H 10 45.61 -14.28 21.05
N GLY H 11 46.30 -15.16 20.29
CA GLY H 11 47.54 -15.81 20.73
C GLY H 11 47.38 -16.92 21.75
#